data_1OPP
#
_entry.id   1OPP
#
_cell.length_a   1.000
_cell.length_b   1.000
_cell.length_c   1.000
_cell.angle_alpha   90.00
_cell.angle_beta   90.00
_cell.angle_gamma   90.00
#
_symmetry.space_group_name_H-M   'P 1'
#
_entity_poly.entity_id   1
_entity_poly.type   'polypeptide(L)'
_entity_poly.pdbx_seq_one_letter_code
;TPDVSSALDKLKEFGNTLEDKARELISRIKQSELSAKM
;
_entity_poly.pdbx_strand_id   A
#
# COMPACT_ATOMS: atom_id res chain seq x y z
N THR A 1 -15.41 9.69 -16.20
CA THR A 1 -14.23 10.06 -15.41
C THR A 1 -14.64 10.70 -14.11
N PRO A 2 -13.82 10.56 -13.09
CA PRO A 2 -13.98 11.20 -11.71
C PRO A 2 -14.12 12.71 -11.72
N ASP A 3 -13.90 13.33 -10.58
CA ASP A 3 -13.85 14.78 -10.48
C ASP A 3 -12.68 15.34 -11.26
N VAL A 4 -12.92 15.66 -12.52
CA VAL A 4 -11.88 16.17 -13.40
C VAL A 4 -11.60 17.63 -13.13
N SER A 5 -10.76 17.88 -12.16
CA SER A 5 -10.50 19.23 -11.67
C SER A 5 -9.70 19.19 -10.39
N SER A 6 -9.90 18.13 -9.61
CA SER A 6 -9.09 17.87 -8.43
C SER A 6 -9.00 16.39 -8.16
N ALA A 7 -8.77 15.63 -9.22
CA ALA A 7 -8.72 14.16 -9.13
C ALA A 7 -7.30 13.67 -9.00
N LEU A 8 -6.37 14.45 -9.52
CA LEU A 8 -4.95 14.19 -9.33
C LEU A 8 -4.54 14.40 -7.89
N ASP A 9 -5.24 15.28 -7.20
CA ASP A 9 -4.96 15.58 -5.80
C ASP A 9 -4.83 14.31 -4.97
N LYS A 10 -5.75 13.39 -5.17
CA LYS A 10 -5.83 12.18 -4.35
C LYS A 10 -4.58 11.36 -4.47
N LEU A 11 -4.01 11.32 -5.66
CA LEU A 11 -2.87 10.47 -5.95
C LEU A 11 -1.59 10.95 -5.28
N LYS A 12 -1.59 12.19 -4.83
CA LYS A 12 -0.51 12.73 -4.01
C LYS A 12 -0.77 12.45 -2.54
N GLU A 13 -0.87 11.18 -2.18
CA GLU A 13 -1.31 10.77 -0.84
C GLU A 13 -1.56 9.28 -0.81
N PHE A 14 -2.71 8.86 -1.28
CA PHE A 14 -3.00 7.46 -1.53
C PHE A 14 -1.87 6.70 -2.20
N GLY A 15 -0.89 7.35 -2.81
CA GLY A 15 0.27 6.67 -3.39
C GLY A 15 1.36 6.45 -2.36
N ASN A 16 1.62 7.47 -1.56
CA ASN A 16 2.54 7.35 -0.43
C ASN A 16 2.22 6.13 0.42
N THR A 17 0.94 5.88 0.59
CA THR A 17 0.46 4.85 1.51
C THR A 17 0.75 3.45 1.01
N LEU A 18 0.88 3.30 -0.30
CA LEU A 18 1.15 2.00 -0.90
C LEU A 18 2.62 1.64 -0.85
N GLU A 19 3.48 2.63 -0.93
CA GLU A 19 4.92 2.42 -0.79
C GLU A 19 5.32 2.09 0.63
N ASP A 20 4.40 2.19 1.57
CA ASP A 20 4.60 1.72 2.93
C ASP A 20 3.76 0.51 3.22
N LYS A 21 2.72 0.29 2.44
CA LYS A 21 1.91 -0.93 2.49
C LYS A 21 2.43 -2.02 1.60
N ALA A 22 3.56 -1.78 0.94
CA ALA A 22 4.28 -2.82 0.20
C ALA A 22 5.77 -2.65 0.38
N ARG A 23 6.15 -2.14 1.53
CA ARG A 23 7.55 -1.94 1.89
C ARG A 23 7.77 -2.27 3.35
N GLU A 24 6.83 -1.86 4.19
CA GLU A 24 6.80 -2.29 5.58
C GLU A 24 5.95 -3.53 5.72
N LEU A 25 4.95 -3.64 4.86
CA LEU A 25 4.07 -4.81 4.82
C LEU A 25 4.80 -6.03 4.33
N ILE A 26 5.82 -5.84 3.52
CA ILE A 26 6.59 -6.94 2.94
C ILE A 26 7.36 -7.69 4.01
N SER A 27 7.69 -7.01 5.08
CA SER A 27 8.30 -7.65 6.25
C SER A 27 7.27 -8.42 7.03
N ARG A 28 6.03 -7.96 7.00
CA ARG A 28 4.91 -8.71 7.56
C ARG A 28 4.56 -9.91 6.73
N ILE A 29 4.94 -9.91 5.46
CA ILE A 29 4.61 -10.99 4.54
C ILE A 29 5.62 -12.11 4.63
N LYS A 30 6.86 -11.75 4.88
CA LYS A 30 7.94 -12.72 5.02
C LYS A 30 7.78 -13.56 6.25
N GLN A 31 7.21 -12.99 7.29
CA GLN A 31 7.08 -13.66 8.58
C GLN A 31 5.75 -14.38 8.72
N SER A 32 5.28 -14.96 7.62
CA SER A 32 3.94 -15.55 7.59
C SER A 32 3.74 -16.34 6.32
N GLU A 33 4.75 -17.09 5.91
CA GLU A 33 4.69 -17.88 4.69
C GLU A 33 5.04 -19.33 4.93
N LEU A 34 4.77 -19.81 6.13
CA LEU A 34 5.03 -21.20 6.50
C LEU A 34 3.76 -21.99 6.60
N SER A 35 2.71 -21.36 7.11
CA SER A 35 1.47 -22.05 7.45
C SER A 35 1.73 -23.14 8.47
N ALA A 36 2.74 -22.96 9.28
CA ALA A 36 3.10 -23.93 10.32
C ALA A 36 2.69 -23.44 11.69
N LYS A 37 2.79 -22.14 11.90
CA LYS A 37 2.45 -21.54 13.19
C LYS A 37 2.10 -20.08 13.03
N MET A 38 1.34 -19.76 12.01
CA MET A 38 0.79 -18.43 11.82
C MET A 38 0.15 -17.92 13.09
N THR A 1 -15.61 5.86 -16.88
CA THR A 1 -15.48 6.61 -15.63
C THR A 1 -15.06 8.03 -15.90
N PRO A 2 -15.18 8.87 -14.88
CA PRO A 2 -14.82 10.35 -14.88
C PRO A 2 -13.41 10.67 -15.35
N ASP A 3 -13.02 11.92 -15.22
CA ASP A 3 -11.65 12.34 -15.51
C ASP A 3 -10.66 11.51 -14.74
N VAL A 4 -10.09 10.51 -15.40
CA VAL A 4 -9.18 9.56 -14.76
C VAL A 4 -7.73 9.91 -15.00
N SER A 5 -7.45 10.73 -16.00
CA SER A 5 -6.08 11.08 -16.37
C SER A 5 -5.39 11.81 -15.25
N SER A 6 -6.12 12.65 -14.55
CA SER A 6 -5.59 13.38 -13.40
C SER A 6 -6.36 13.06 -12.14
N ALA A 7 -6.79 11.82 -12.01
CA ALA A 7 -7.43 11.36 -10.78
C ALA A 7 -6.43 10.98 -9.71
N LEU A 8 -5.20 10.73 -10.10
CA LEU A 8 -4.11 10.51 -9.16
C LEU A 8 -3.68 11.81 -8.51
N ASP A 9 -3.80 12.90 -9.23
CA ASP A 9 -3.48 14.22 -8.72
C ASP A 9 -4.14 14.47 -7.39
N LYS A 10 -5.39 14.05 -7.27
CA LYS A 10 -6.20 14.35 -6.09
C LYS A 10 -5.51 13.92 -4.82
N LEU A 11 -4.84 12.79 -4.88
CA LEU A 11 -4.13 12.24 -3.72
C LEU A 11 -2.75 12.84 -3.61
N LYS A 12 -1.85 12.37 -4.45
CA LYS A 12 -0.42 12.66 -4.39
C LYS A 12 0.06 13.08 -3.03
N GLU A 13 -0.15 12.23 -2.03
CA GLU A 13 0.09 12.56 -0.62
C GLU A 13 -0.62 11.56 0.27
N PHE A 14 -1.91 11.73 0.44
CA PHE A 14 -2.77 10.73 1.06
C PHE A 14 -2.63 9.33 0.51
N GLY A 15 -1.95 9.11 -0.60
CA GLY A 15 -1.70 7.75 -1.10
C GLY A 15 -0.35 7.25 -0.62
N ASN A 16 0.63 8.13 -0.62
CA ASN A 16 1.94 7.83 -0.05
C ASN A 16 1.81 7.24 1.33
N THR A 17 0.80 7.68 2.07
CA THR A 17 0.58 7.24 3.44
C THR A 17 0.56 5.73 3.52
N LEU A 18 -0.17 5.10 2.63
CA LEU A 18 -0.30 3.64 2.62
C LEU A 18 1.05 2.98 2.45
N GLU A 19 1.89 3.56 1.60
CA GLU A 19 3.17 2.96 1.27
C GLU A 19 4.29 3.52 2.11
N ASP A 20 3.99 3.90 3.34
CA ASP A 20 5.00 4.31 4.30
C ASP A 20 4.84 3.59 5.62
N LYS A 21 3.62 3.59 6.14
CA LYS A 21 3.33 2.95 7.41
C LYS A 21 3.03 1.48 7.25
N ALA A 22 2.72 1.06 6.03
CA ALA A 22 2.59 -0.36 5.72
C ALA A 22 3.92 -1.07 5.62
N ARG A 23 5.02 -0.33 5.59
CA ARG A 23 6.34 -0.92 5.44
C ARG A 23 6.77 -1.67 6.68
N GLU A 24 6.52 -1.07 7.84
CA GLU A 24 6.92 -1.66 9.11
C GLU A 24 6.00 -2.79 9.50
N LEU A 25 4.71 -2.59 9.25
CA LEU A 25 3.72 -3.64 9.42
C LEU A 25 3.99 -4.83 8.53
N ILE A 26 4.66 -4.59 7.40
CA ILE A 26 4.98 -5.66 6.46
C ILE A 26 5.97 -6.63 7.06
N SER A 27 6.77 -6.15 8.00
CA SER A 27 7.64 -7.04 8.77
C SER A 27 6.85 -7.99 9.63
N ARG A 28 5.70 -7.53 10.10
CA ARG A 28 4.75 -8.38 10.80
C ARG A 28 4.03 -9.33 9.86
N ILE A 29 3.88 -8.93 8.61
CA ILE A 29 3.09 -9.70 7.65
C ILE A 29 3.82 -10.96 7.25
N LYS A 30 5.13 -10.88 7.17
CA LYS A 30 5.96 -11.99 6.72
C LYS A 30 5.83 -13.19 7.63
N GLN A 31 5.55 -12.95 8.90
CA GLN A 31 5.58 -13.99 9.92
C GLN A 31 4.24 -14.66 10.10
N SER A 32 3.45 -14.74 9.04
CA SER A 32 2.20 -15.51 9.06
C SER A 32 1.49 -15.47 7.73
N GLU A 33 2.25 -15.49 6.65
CA GLU A 33 1.69 -15.59 5.31
C GLU A 33 2.42 -16.60 4.46
N LEU A 34 2.96 -17.63 5.09
CA LEU A 34 3.62 -18.71 4.37
C LEU A 34 2.90 -20.02 4.60
N SER A 35 2.64 -20.35 5.84
CA SER A 35 2.09 -21.64 6.26
C SER A 35 3.15 -22.72 6.38
N ALA A 36 4.41 -22.36 6.23
CA ALA A 36 5.54 -23.28 6.14
C ALA A 36 6.66 -22.61 5.35
N LYS A 37 6.36 -22.31 4.10
CA LYS A 37 7.23 -21.51 3.25
C LYS A 37 6.47 -21.03 2.02
N MET A 38 5.16 -20.94 2.14
CA MET A 38 4.31 -20.66 0.97
C MET A 38 3.95 -19.20 0.90
N THR A 1 -2.99 17.78 4.25
CA THR A 1 -3.55 17.98 2.92
C THR A 1 -4.58 19.09 2.92
N PRO A 2 -4.77 19.70 1.77
CA PRO A 2 -5.80 20.79 1.45
C PRO A 2 -7.13 20.24 1.02
N ASP A 3 -7.52 20.51 -0.21
CA ASP A 3 -8.80 20.06 -0.74
C ASP A 3 -8.80 18.56 -0.95
N VAL A 4 -9.15 17.83 0.09
CA VAL A 4 -9.04 16.37 0.10
C VAL A 4 -9.95 15.73 -0.94
N SER A 5 -11.03 16.40 -1.30
CA SER A 5 -12.05 15.82 -2.17
C SER A 5 -11.47 15.48 -3.52
N SER A 6 -10.77 16.42 -4.12
CA SER A 6 -10.21 16.25 -5.44
C SER A 6 -8.71 16.15 -5.40
N ALA A 7 -8.19 15.57 -4.33
CA ALA A 7 -6.74 15.36 -4.19
C ALA A 7 -6.32 13.96 -4.58
N LEU A 8 -7.25 13.03 -4.56
CA LEU A 8 -7.02 11.67 -5.05
C LEU A 8 -7.05 11.64 -6.56
N ASP A 9 -7.83 12.53 -7.14
CA ASP A 9 -7.85 12.72 -8.59
C ASP A 9 -6.45 12.86 -9.14
N LYS A 10 -5.61 13.56 -8.42
CA LYS A 10 -4.28 13.91 -8.91
C LYS A 10 -3.51 12.67 -9.31
N LEU A 11 -3.63 11.63 -8.51
CA LEU A 11 -2.92 10.37 -8.76
C LEU A 11 -3.64 9.56 -9.84
N LYS A 12 -4.76 8.98 -9.47
CA LYS A 12 -5.49 8.02 -10.30
C LYS A 12 -4.62 7.26 -11.27
N GLU A 13 -3.63 6.56 -10.78
CA GLU A 13 -2.59 5.91 -11.60
C GLU A 13 -1.38 5.61 -10.73
N PHE A 14 -0.60 6.64 -10.47
CA PHE A 14 0.47 6.56 -9.48
C PHE A 14 0.06 5.95 -8.15
N GLY A 15 -1.20 5.86 -7.80
CA GLY A 15 -1.63 5.33 -6.51
C GLY A 15 -2.07 3.90 -6.63
N ASN A 16 -2.74 3.58 -7.73
CA ASN A 16 -3.10 2.21 -8.05
C ASN A 16 -1.90 1.30 -7.94
N THR A 17 -0.75 1.81 -8.32
CA THR A 17 0.48 1.01 -8.33
C THR A 17 0.79 0.49 -6.96
N LEU A 18 0.65 1.33 -5.97
CA LEU A 18 0.90 0.95 -4.58
C LEU A 18 -0.01 -0.17 -4.15
N GLU A 19 -1.23 -0.16 -4.66
CA GLU A 19 -2.25 -1.13 -4.26
C GLU A 19 -2.32 -2.30 -5.22
N ASP A 20 -1.20 -2.65 -5.82
CA ASP A 20 -1.10 -3.84 -6.64
C ASP A 20 0.13 -4.65 -6.29
N LYS A 21 1.26 -3.98 -6.18
CA LYS A 21 2.53 -4.64 -5.91
C LYS A 21 2.78 -4.77 -4.43
N ALA A 22 2.13 -3.96 -3.64
CA ALA A 22 2.17 -4.09 -2.18
C ALA A 22 1.40 -5.31 -1.71
N ARG A 23 0.44 -5.76 -2.50
CA ARG A 23 -0.29 -6.98 -2.21
C ARG A 23 0.65 -8.14 -2.00
N GLU A 24 1.62 -8.27 -2.89
CA GLU A 24 2.50 -9.44 -2.90
C GLU A 24 3.46 -9.41 -1.74
N LEU A 25 4.00 -8.24 -1.46
CA LEU A 25 4.87 -8.02 -0.30
C LEU A 25 4.16 -8.32 1.00
N ILE A 26 2.85 -8.21 1.00
CA ILE A 26 2.05 -8.44 2.21
C ILE A 26 2.03 -9.90 2.58
N SER A 27 2.14 -10.76 1.59
CA SER A 27 2.26 -12.20 1.84
C SER A 27 3.59 -12.52 2.48
N ARG A 28 4.61 -11.75 2.14
CA ARG A 28 5.91 -11.84 2.79
C ARG A 28 5.89 -11.30 4.20
N ILE A 29 5.04 -10.33 4.45
CA ILE A 29 5.02 -9.61 5.71
C ILE A 29 4.39 -10.45 6.81
N LYS A 30 3.47 -11.31 6.43
CA LYS A 30 2.85 -12.24 7.37
C LYS A 30 3.88 -13.19 7.93
N GLN A 31 4.84 -13.57 7.11
CA GLN A 31 5.85 -14.55 7.50
C GLN A 31 7.09 -13.90 8.05
N SER A 32 6.91 -12.88 8.87
CA SER A 32 8.02 -12.26 9.59
C SER A 32 7.52 -11.34 10.69
N GLU A 33 6.41 -11.70 11.30
CA GLU A 33 5.87 -10.96 12.44
C GLU A 33 5.53 -11.87 13.60
N LEU A 34 6.29 -12.95 13.74
CA LEU A 34 6.17 -13.83 14.90
C LEU A 34 7.29 -13.58 15.88
N SER A 35 8.50 -13.55 15.38
CA SER A 35 9.69 -13.39 16.22
C SER A 35 9.93 -14.56 17.14
N ALA A 36 9.36 -15.71 16.83
CA ALA A 36 9.62 -16.98 17.51
C ALA A 36 8.66 -17.20 18.65
N LYS A 37 8.22 -16.13 19.30
CA LYS A 37 7.32 -16.21 20.44
C LYS A 37 6.06 -15.42 20.19
N MET A 38 6.21 -14.22 19.65
CA MET A 38 5.09 -13.29 19.52
C MET A 38 4.01 -13.87 18.64
N THR A 1 -10.14 16.62 -20.64
CA THR A 1 -10.89 15.55 -20.00
C THR A 1 -11.99 16.10 -19.11
N PRO A 2 -12.89 15.24 -18.70
CA PRO A 2 -14.03 15.50 -17.72
C PRO A 2 -13.59 16.06 -16.38
N ASP A 3 -14.44 15.91 -15.38
CA ASP A 3 -14.08 16.24 -14.00
C ASP A 3 -12.92 15.41 -13.50
N VAL A 4 -12.55 14.37 -14.22
CA VAL A 4 -11.35 13.59 -13.90
C VAL A 4 -10.13 14.15 -14.60
N SER A 5 -9.90 15.44 -14.44
CA SER A 5 -8.67 16.07 -14.92
C SER A 5 -7.69 16.26 -13.80
N SER A 6 -8.18 16.72 -12.66
CA SER A 6 -7.39 16.80 -11.43
C SER A 6 -8.06 16.07 -10.30
N ALA A 7 -8.69 14.95 -10.62
CA ALA A 7 -9.31 14.11 -9.61
C ALA A 7 -8.33 13.13 -8.99
N LEU A 8 -7.20 12.93 -9.64
CA LEU A 8 -6.10 12.15 -9.08
C LEU A 8 -5.46 12.89 -7.93
N ASP A 9 -5.48 14.21 -8.00
CA ASP A 9 -5.03 15.06 -6.91
C ASP A 9 -5.86 14.84 -5.66
N LYS A 10 -7.16 14.74 -5.83
CA LYS A 10 -8.06 14.43 -4.72
C LYS A 10 -7.56 13.22 -3.96
N LEU A 11 -7.10 12.22 -4.68
CA LEU A 11 -6.43 11.08 -4.07
C LEU A 11 -4.94 11.39 -3.90
N LYS A 12 -4.11 10.93 -4.80
CA LYS A 12 -2.67 11.20 -4.76
C LYS A 12 -2.07 10.73 -3.45
N GLU A 13 -2.08 11.57 -2.44
CA GLU A 13 -1.72 11.20 -1.07
C GLU A 13 -2.18 9.81 -0.68
N PHE A 14 -3.48 9.64 -0.49
CA PHE A 14 -4.09 8.37 -0.07
C PHE A 14 -3.42 7.14 -0.62
N GLY A 15 -2.88 7.18 -1.81
CA GLY A 15 -2.23 6.02 -2.42
C GLY A 15 -0.81 5.87 -1.94
N ASN A 16 -0.09 6.97 -1.88
CA ASN A 16 1.24 7.01 -1.28
C ASN A 16 1.27 6.29 0.05
N THR A 17 0.18 6.35 0.79
CA THR A 17 0.12 5.80 2.14
C THR A 17 0.33 4.31 2.13
N LEU A 18 -0.27 3.64 1.17
CA LEU A 18 -0.10 2.20 0.99
C LEU A 18 1.34 1.85 0.69
N GLU A 19 2.03 2.75 0.01
CA GLU A 19 3.40 2.50 -0.42
C GLU A 19 4.42 2.99 0.59
N ASP A 20 4.04 3.03 1.85
CA ASP A 20 4.98 3.34 2.94
C ASP A 20 4.81 2.35 4.07
N LYS A 21 3.58 2.04 4.40
CA LYS A 21 3.27 1.04 5.43
C LYS A 21 3.40 -0.37 4.91
N ALA A 22 3.28 -0.53 3.61
CA ALA A 22 3.53 -1.82 2.97
C ALA A 22 4.99 -2.22 3.07
N ARG A 23 5.88 -1.24 3.09
CA ARG A 23 7.32 -1.49 3.08
C ARG A 23 7.75 -2.17 4.36
N GLU A 24 7.21 -1.73 5.48
CA GLU A 24 7.66 -2.19 6.79
C GLU A 24 6.95 -3.44 7.21
N LEU A 25 5.65 -3.49 6.96
CA LEU A 25 4.86 -4.68 7.25
C LEU A 25 5.27 -5.86 6.39
N ILE A 26 5.91 -5.58 5.27
CA ILE A 26 6.49 -6.63 4.43
C ILE A 26 7.67 -7.29 5.11
N SER A 27 8.41 -6.52 5.89
CA SER A 27 9.47 -7.08 6.73
C SER A 27 8.90 -7.98 7.79
N ARG A 28 7.72 -7.64 8.26
CA ARG A 28 6.95 -8.49 9.18
C ARG A 28 6.42 -9.71 8.47
N ILE A 29 6.16 -9.61 7.18
CA ILE A 29 5.50 -10.67 6.43
C ILE A 29 6.43 -11.84 6.22
N LYS A 30 7.72 -11.55 6.07
CA LYS A 30 8.74 -12.58 5.98
C LYS A 30 8.72 -13.47 7.19
N GLN A 31 8.66 -12.86 8.37
CA GLN A 31 8.74 -13.59 9.63
C GLN A 31 7.38 -13.93 10.16
N SER A 32 6.51 -14.43 9.30
CA SER A 32 5.17 -14.86 9.70
C SER A 32 4.45 -15.53 8.55
N GLU A 33 5.19 -16.33 7.80
CA GLU A 33 4.64 -17.01 6.63
C GLU A 33 4.86 -18.50 6.70
N LEU A 34 4.95 -19.05 7.90
CA LEU A 34 5.15 -20.48 8.09
C LEU A 34 4.07 -21.07 8.98
N SER A 35 3.82 -20.42 10.10
CA SER A 35 2.92 -20.94 11.13
C SER A 35 3.46 -22.18 11.80
N ALA A 36 4.75 -22.40 11.74
CA ALA A 36 5.44 -23.46 12.49
C ALA A 36 5.46 -24.77 11.73
N LYS A 37 4.53 -24.98 10.83
CA LYS A 37 4.53 -26.13 9.93
C LYS A 37 4.44 -25.71 8.49
N MET A 38 3.53 -24.79 8.21
CA MET A 38 3.22 -24.40 6.84
C MET A 38 4.37 -23.64 6.22
N THR A 1 -12.68 3.97 -15.35
CA THR A 1 -12.34 4.93 -14.30
C THR A 1 -13.10 6.23 -14.48
N PRO A 2 -13.30 6.95 -13.39
CA PRO A 2 -13.93 8.35 -13.34
C PRO A 2 -13.26 9.38 -14.23
N ASP A 3 -13.46 10.64 -13.89
CA ASP A 3 -12.75 11.73 -14.57
C ASP A 3 -11.26 11.58 -14.40
N VAL A 4 -10.63 10.93 -15.37
CA VAL A 4 -9.22 10.57 -15.28
C VAL A 4 -8.34 11.79 -15.16
N SER A 5 -8.81 12.91 -15.69
CA SER A 5 -8.07 14.18 -15.61
C SER A 5 -7.77 14.54 -14.17
N SER A 6 -8.82 14.74 -13.40
CA SER A 6 -8.69 14.94 -11.96
C SER A 6 -8.98 13.67 -11.20
N ALA A 7 -8.60 12.55 -11.78
CA ALA A 7 -8.62 11.28 -11.06
C ALA A 7 -7.26 11.01 -10.46
N LEU A 8 -7.26 10.33 -9.33
CA LEU A 8 -6.07 10.16 -8.49
C LEU A 8 -5.23 11.40 -8.41
N ASP A 9 -5.90 12.54 -8.50
CA ASP A 9 -5.27 13.84 -8.27
C ASP A 9 -5.52 14.33 -6.87
N LYS A 10 -6.74 14.15 -6.40
CA LYS A 10 -7.11 14.47 -5.02
C LYS A 10 -6.26 13.71 -4.04
N LEU A 11 -6.09 12.42 -4.30
CA LEU A 11 -5.44 11.51 -3.36
C LEU A 11 -3.94 11.67 -3.31
N LYS A 12 -3.37 12.54 -4.12
CA LYS A 12 -1.94 12.88 -3.97
C LYS A 12 -1.69 13.27 -2.54
N GLU A 13 -0.47 13.13 -2.04
CA GLU A 13 -0.16 13.23 -0.62
C GLU A 13 -0.63 12.01 0.13
N PHE A 14 -1.93 11.88 0.33
CA PHE A 14 -2.55 10.70 0.92
C PHE A 14 -1.98 9.38 0.46
N GLY A 15 -1.36 9.29 -0.71
CA GLY A 15 -0.88 8.02 -1.25
C GLY A 15 0.57 7.80 -0.89
N ASN A 16 1.33 8.88 -0.84
CA ASN A 16 2.73 8.83 -0.41
C ASN A 16 2.85 8.20 0.96
N THR A 17 1.97 8.60 1.87
CA THR A 17 1.89 7.98 3.18
C THR A 17 1.72 6.48 3.07
N LEU A 18 0.93 6.06 2.09
CA LEU A 18 0.71 4.63 1.85
C LEU A 18 2.02 3.89 1.75
N GLU A 19 2.93 4.42 0.97
CA GLU A 19 4.19 3.73 0.64
C GLU A 19 5.08 3.60 1.85
N ASP A 20 5.25 4.69 2.57
CA ASP A 20 6.24 4.75 3.66
C ASP A 20 5.90 3.76 4.76
N LYS A 21 4.65 3.77 5.20
CA LYS A 21 4.21 2.89 6.28
C LYS A 21 3.90 1.50 5.78
N ALA A 22 3.81 1.31 4.48
CA ALA A 22 3.69 -0.02 3.89
C ALA A 22 5.01 -0.74 3.82
N ARG A 23 6.11 0.01 3.82
CA ARG A 23 7.45 -0.57 3.73
C ARG A 23 7.81 -1.29 5.00
N GLU A 24 7.47 -0.69 6.13
CA GLU A 24 7.82 -1.23 7.44
C GLU A 24 6.93 -2.40 7.80
N LEU A 25 5.67 -2.29 7.47
CA LEU A 25 4.72 -3.38 7.63
C LEU A 25 5.05 -4.54 6.73
N ILE A 26 5.71 -4.28 5.62
CA ILE A 26 6.11 -5.32 4.67
C ILE A 26 7.11 -6.27 5.28
N SER A 27 7.89 -5.78 6.23
CA SER A 27 8.77 -6.64 7.01
C SER A 27 7.96 -7.59 7.87
N ARG A 28 6.82 -7.10 8.33
CA ARG A 28 5.83 -7.92 9.02
C ARG A 28 5.24 -8.97 8.10
N ILE A 29 5.14 -8.65 6.83
CA ILE A 29 4.44 -9.50 5.86
C ILE A 29 5.23 -10.76 5.60
N LYS A 30 6.54 -10.61 5.44
CA LYS A 30 7.43 -11.73 5.17
C LYS A 30 7.37 -12.75 6.29
N GLN A 31 7.37 -12.27 7.52
CA GLN A 31 7.42 -13.13 8.70
C GLN A 31 6.03 -13.42 9.22
N SER A 32 5.12 -13.79 8.33
CA SER A 32 3.76 -14.15 8.72
C SER A 32 3.10 -14.98 7.63
N GLU A 33 3.85 -15.86 7.01
CA GLU A 33 3.38 -16.60 5.85
C GLU A 33 3.48 -18.10 6.06
N LEU A 34 3.51 -18.52 7.31
CA LEU A 34 3.76 -19.92 7.64
C LEU A 34 2.70 -20.82 7.04
N SER A 35 1.45 -20.40 7.14
CA SER A 35 0.32 -21.19 6.67
C SER A 35 0.39 -22.60 7.21
N ALA A 36 0.97 -22.76 8.38
CA ALA A 36 1.13 -24.08 8.99
C ALA A 36 2.04 -24.95 8.14
N LYS A 37 3.29 -24.54 8.02
CA LYS A 37 4.31 -25.36 7.38
C LYS A 37 4.15 -25.42 5.88
N MET A 38 3.17 -24.73 5.33
CA MET A 38 2.88 -24.80 3.89
C MET A 38 3.96 -24.12 3.09
N THR A 1 -13.60 16.56 -20.92
CA THR A 1 -14.07 15.71 -19.84
C THR A 1 -14.41 16.51 -18.61
N PRO A 2 -15.06 15.87 -17.66
CA PRO A 2 -15.42 16.40 -16.27
C PRO A 2 -14.23 16.85 -15.45
N ASP A 3 -14.27 16.66 -14.15
CA ASP A 3 -13.10 16.86 -13.29
C ASP A 3 -12.28 15.59 -13.20
N VAL A 4 -11.98 15.01 -14.34
CA VAL A 4 -11.30 13.71 -14.41
C VAL A 4 -9.96 13.85 -15.10
N SER A 5 -9.39 15.04 -15.05
CA SER A 5 -8.12 15.33 -15.71
C SER A 5 -6.99 15.38 -14.71
N SER A 6 -7.16 16.19 -13.68
CA SER A 6 -6.24 16.23 -12.55
C SER A 6 -6.92 15.72 -11.29
N ALA A 7 -7.70 14.67 -11.44
CA ALA A 7 -8.49 14.13 -10.33
C ALA A 7 -7.70 13.16 -9.49
N LEU A 8 -6.68 12.56 -10.09
CA LEU A 8 -5.73 11.73 -9.36
C LEU A 8 -4.81 12.58 -8.50
N ASP A 9 -4.55 13.79 -8.96
CA ASP A 9 -3.82 14.78 -8.18
C ASP A 9 -4.41 14.92 -6.81
N LYS A 10 -5.73 15.01 -6.75
CA LYS A 10 -6.44 15.23 -5.50
C LYS A 10 -6.03 14.21 -4.46
N LEU A 11 -5.79 12.99 -4.91
CA LEU A 11 -5.23 11.95 -4.04
C LEU A 11 -3.73 12.09 -3.94
N LYS A 12 -3.01 11.39 -4.80
CA LYS A 12 -1.55 11.29 -4.71
C LYS A 12 -1.12 10.72 -3.39
N GLU A 13 -0.97 11.57 -2.38
CA GLU A 13 -0.71 11.15 -1.01
C GLU A 13 -1.49 9.90 -0.62
N PHE A 14 -2.78 10.05 -0.38
CA PHE A 14 -3.63 8.97 0.13
C PHE A 14 -3.43 7.61 -0.50
N GLY A 15 -2.90 7.51 -1.69
CA GLY A 15 -2.70 6.23 -2.37
C GLY A 15 -1.36 5.63 -2.02
N ASN A 16 -0.35 6.49 -1.92
CA ASN A 16 0.96 6.11 -1.42
C ASN A 16 0.88 5.46 -0.06
N THR A 17 -0.16 5.78 0.68
CA THR A 17 -0.43 5.16 1.98
C THR A 17 -0.29 3.66 1.93
N LEU A 18 -0.88 3.03 0.92
CA LEU A 18 -0.80 1.59 0.75
C LEU A 18 0.62 1.10 0.75
N GLU A 19 1.48 1.78 0.02
CA GLU A 19 2.86 1.33 -0.20
C GLU A 19 3.82 1.91 0.80
N ASP A 20 3.36 2.16 2.01
CA ASP A 20 4.24 2.56 3.11
C ASP A 20 3.95 1.77 4.35
N LYS A 21 2.68 1.68 4.73
CA LYS A 21 2.24 0.86 5.84
C LYS A 21 2.24 -0.61 5.49
N ALA A 22 2.21 -0.92 4.21
CA ALA A 22 2.38 -2.30 3.75
C ALA A 22 3.84 -2.69 3.72
N ARG A 23 4.71 -1.70 3.56
CA ARG A 23 6.15 -1.92 3.68
C ARG A 23 6.51 -2.44 5.05
N GLU A 24 5.98 -1.80 6.08
CA GLU A 24 6.39 -2.09 7.45
C GLU A 24 5.73 -3.36 7.95
N LEU A 25 4.47 -3.54 7.60
CA LEU A 25 3.75 -4.78 7.91
C LEU A 25 4.35 -5.96 7.19
N ILE A 26 5.06 -5.71 6.11
CA ILE A 26 5.77 -6.77 5.38
C ILE A 26 6.89 -7.35 6.22
N SER A 27 7.46 -6.52 7.08
CA SER A 27 8.45 -6.99 8.06
C SER A 27 7.81 -7.89 9.08
N ARG A 28 6.64 -7.50 9.56
CA ARG A 28 5.85 -8.33 10.45
C ARG A 28 5.47 -9.64 9.82
N ILE A 29 5.34 -9.66 8.50
CA ILE A 29 4.82 -10.81 7.78
C ILE A 29 5.88 -11.87 7.61
N LYS A 30 7.10 -11.44 7.39
CA LYS A 30 8.23 -12.34 7.18
C LYS A 30 8.51 -13.16 8.43
N GLN A 31 8.27 -12.58 9.59
CA GLN A 31 8.64 -13.19 10.86
C GLN A 31 7.50 -14.01 11.44
N SER A 32 6.83 -14.78 10.60
CA SER A 32 5.83 -15.73 11.06
C SER A 32 5.49 -16.74 9.99
N GLU A 33 6.42 -17.02 9.11
CA GLU A 33 6.22 -17.97 8.02
C GLU A 33 7.38 -18.94 7.91
N LEU A 34 8.08 -19.16 9.00
CA LEU A 34 9.31 -19.95 8.99
C LEU A 34 9.09 -21.35 8.47
N SER A 35 7.98 -21.93 8.89
CA SER A 35 7.49 -23.21 8.37
C SER A 35 5.98 -23.28 8.56
N ALA A 36 5.39 -22.09 8.63
CA ALA A 36 4.01 -21.90 9.07
C ALA A 36 3.06 -22.82 8.36
N LYS A 37 2.90 -22.58 7.06
CA LYS A 37 2.07 -23.43 6.22
C LYS A 37 2.75 -23.73 4.91
N MET A 38 4.08 -23.77 4.94
CA MET A 38 4.87 -23.95 3.73
C MET A 38 4.79 -25.37 3.23
N THR A 1 -18.12 11.14 -14.56
CA THR A 1 -17.12 11.52 -13.56
C THR A 1 -16.92 13.02 -13.54
N PRO A 2 -16.47 13.53 -12.41
CA PRO A 2 -16.09 14.99 -12.17
C PRO A 2 -15.05 15.53 -13.12
N ASP A 3 -14.37 16.59 -12.70
CA ASP A 3 -13.22 17.10 -13.44
C ASP A 3 -12.14 16.06 -13.56
N VAL A 4 -12.20 15.30 -14.64
CA VAL A 4 -11.33 14.14 -14.82
C VAL A 4 -9.89 14.52 -15.01
N SER A 5 -9.63 15.77 -15.34
CA SER A 5 -8.27 16.29 -15.46
C SER A 5 -7.57 16.28 -14.13
N SER A 6 -8.22 16.83 -13.12
CA SER A 6 -7.67 16.87 -11.77
C SER A 6 -8.37 15.89 -10.86
N ALA A 7 -8.77 14.76 -11.40
CA ALA A 7 -9.43 13.72 -10.61
C ALA A 7 -8.44 12.73 -10.02
N LEU A 8 -7.28 12.63 -10.63
CA LEU A 8 -6.17 11.86 -10.07
C LEU A 8 -5.58 12.58 -8.89
N ASP A 9 -5.61 13.90 -8.92
CA ASP A 9 -5.07 14.74 -7.85
C ASP A 9 -5.58 14.33 -6.49
N LYS A 10 -6.87 14.04 -6.41
CA LYS A 10 -7.53 13.82 -5.12
C LYS A 10 -6.79 12.78 -4.32
N LEU A 11 -6.24 11.79 -5.00
CA LEU A 11 -5.36 10.81 -4.36
C LEU A 11 -3.98 11.39 -4.15
N LYS A 12 -3.05 11.10 -5.03
CA LYS A 12 -1.65 11.53 -4.90
C LYS A 12 -1.03 11.04 -3.61
N GLU A 13 -1.21 11.77 -2.53
CA GLU A 13 -0.83 11.35 -1.19
C GLU A 13 -1.06 9.87 -0.95
N PHE A 14 -2.31 9.50 -0.77
CA PHE A 14 -2.72 8.12 -0.46
C PHE A 14 -1.90 7.06 -1.17
N GLY A 15 -1.40 7.32 -2.36
CA GLY A 15 -0.56 6.37 -3.09
C GLY A 15 0.81 6.25 -2.45
N ASN A 16 1.46 7.38 -2.25
CA ASN A 16 2.72 7.44 -1.52
C ASN A 16 2.67 6.68 -0.22
N THR A 17 1.53 6.71 0.44
CA THR A 17 1.39 6.18 1.79
C THR A 17 1.48 4.68 1.83
N LEU A 18 1.12 4.04 0.73
CA LEU A 18 1.31 2.60 0.58
C LEU A 18 2.72 2.25 0.15
N GLU A 19 3.44 3.20 -0.41
CA GLU A 19 4.84 3.02 -0.76
C GLU A 19 5.77 3.51 0.33
N ASP A 20 5.32 3.44 1.56
CA ASP A 20 6.17 3.71 2.73
C ASP A 20 5.80 2.80 3.87
N LYS A 21 4.50 2.62 4.07
CA LYS A 21 3.99 1.64 5.03
C LYS A 21 4.36 0.24 4.61
N ALA A 22 4.16 -0.06 3.34
CA ALA A 22 4.37 -1.40 2.81
C ALA A 22 5.76 -1.91 3.09
N ARG A 23 6.72 -1.01 3.17
CA ARG A 23 8.13 -1.38 3.27
C ARG A 23 8.43 -1.99 4.63
N GLU A 24 8.18 -1.23 5.68
CA GLU A 24 8.50 -1.66 7.04
C GLU A 24 7.69 -2.87 7.43
N LEU A 25 6.44 -2.89 7.02
CA LEU A 25 5.49 -3.93 7.41
C LEU A 25 5.77 -5.22 6.69
N ILE A 26 6.44 -5.15 5.55
CA ILE A 26 6.92 -6.32 4.85
C ILE A 26 7.91 -7.10 5.68
N SER A 27 8.67 -6.39 6.49
CA SER A 27 9.55 -7.03 7.47
C SER A 27 8.75 -7.68 8.56
N ARG A 28 7.66 -7.03 8.95
CA ARG A 28 6.70 -7.60 9.89
C ARG A 28 5.98 -8.80 9.30
N ILE A 29 5.93 -8.89 7.99
CA ILE A 29 5.12 -9.91 7.30
C ILE A 29 5.88 -11.20 7.20
N LYS A 30 7.20 -11.10 7.12
CA LYS A 30 8.07 -12.27 7.17
C LYS A 30 7.78 -13.10 8.40
N GLN A 31 7.52 -12.44 9.51
CA GLN A 31 7.24 -13.10 10.77
C GLN A 31 5.76 -13.32 10.98
N SER A 32 5.09 -13.83 9.96
CA SER A 32 3.69 -14.22 10.08
C SER A 32 3.25 -15.01 8.86
N GLU A 33 4.10 -15.93 8.44
CA GLU A 33 3.89 -16.68 7.20
C GLU A 33 3.92 -18.18 7.43
N LEU A 34 3.51 -18.59 8.62
CA LEU A 34 3.47 -20.01 8.98
C LEU A 34 2.81 -20.83 7.91
N SER A 35 1.78 -20.26 7.28
CA SER A 35 0.95 -21.00 6.34
C SER A 35 0.46 -22.29 6.94
N ALA A 36 0.19 -22.28 8.22
CA ALA A 36 -0.45 -23.42 8.88
C ALA A 36 0.45 -24.64 8.85
N LYS A 37 1.65 -24.49 9.38
CA LYS A 37 2.57 -25.62 9.52
C LYS A 37 3.00 -26.13 8.17
N MET A 38 3.17 -25.23 7.22
CA MET A 38 3.74 -25.56 5.92
C MET A 38 5.24 -25.58 5.99
N THR A 1 -14.09 11.79 -19.72
CA THR A 1 -14.52 12.31 -18.42
C THR A 1 -14.13 13.76 -18.26
N PRO A 2 -14.79 14.43 -17.34
CA PRO A 2 -14.52 15.87 -16.90
C PRO A 2 -13.12 16.12 -16.37
N ASP A 3 -12.83 17.36 -16.05
CA ASP A 3 -11.59 17.80 -15.37
C ASP A 3 -10.39 16.96 -15.72
N VAL A 4 -10.15 15.91 -14.95
CA VAL A 4 -9.04 14.99 -15.18
C VAL A 4 -7.74 15.72 -15.36
N SER A 5 -7.63 16.89 -14.75
CA SER A 5 -6.47 17.75 -14.92
C SER A 5 -5.72 17.92 -13.62
N SER A 6 -6.46 18.03 -12.54
CA SER A 6 -5.88 18.08 -11.20
C SER A 6 -6.57 17.12 -10.27
N ALA A 7 -6.98 15.99 -10.79
CA ALA A 7 -7.67 14.97 -10.01
C ALA A 7 -6.69 14.07 -9.26
N LEU A 8 -5.48 13.98 -9.78
CA LEU A 8 -4.40 13.30 -9.07
C LEU A 8 -4.02 14.04 -7.82
N ASP A 9 -4.19 15.35 -7.86
CA ASP A 9 -4.03 16.19 -6.67
C ASP A 9 -5.04 15.82 -5.60
N LYS A 10 -6.25 15.56 -6.03
CA LYS A 10 -7.36 15.29 -5.11
C LYS A 10 -7.04 14.11 -4.22
N LEU A 11 -6.35 13.13 -4.78
CA LEU A 11 -5.89 11.98 -4.01
C LEU A 11 -4.52 12.26 -3.41
N LYS A 12 -3.47 11.85 -4.10
CA LYS A 12 -2.11 11.95 -3.59
C LYS A 12 -1.93 11.13 -2.32
N GLU A 13 -2.25 11.70 -1.18
CA GLU A 13 -2.28 10.99 0.10
C GLU A 13 -2.80 9.58 -0.02
N PHE A 14 -4.10 9.42 -0.23
CA PHE A 14 -4.74 8.11 -0.36
C PHE A 14 -3.85 7.07 -1.01
N GLY A 15 -3.11 7.45 -2.02
CA GLY A 15 -2.23 6.52 -2.74
C GLY A 15 -1.09 6.05 -1.86
N ASN A 16 -0.39 7.00 -1.27
CA ASN A 16 0.67 6.71 -0.31
C ASN A 16 0.24 5.68 0.71
N THR A 17 -1.02 5.71 1.09
CA THR A 17 -1.52 4.90 2.19
C THR A 17 -1.27 3.42 1.93
N LEU A 18 -1.46 2.99 0.71
CA LEU A 18 -1.29 1.58 0.34
C LEU A 18 0.16 1.18 0.40
N GLU A 19 1.05 2.10 0.07
CA GLU A 19 2.47 1.79 -0.05
C GLU A 19 3.27 2.31 1.13
N ASP A 20 2.64 2.37 2.29
CA ASP A 20 3.33 2.70 3.54
C ASP A 20 2.85 1.81 4.66
N LYS A 21 1.55 1.62 4.75
CA LYS A 21 0.96 0.66 5.67
C LYS A 21 1.29 -0.75 5.26
N ALA A 22 1.35 -0.98 3.96
CA ALA A 22 1.63 -2.31 3.42
C ALA A 22 3.11 -2.60 3.36
N ARG A 23 3.93 -1.58 3.29
CA ARG A 23 5.38 -1.74 3.16
C ARG A 23 6.05 -2.00 4.49
N GLU A 24 5.41 -1.59 5.57
CA GLU A 24 5.87 -1.92 6.91
C GLU A 24 5.36 -3.27 7.35
N LEU A 25 4.10 -3.54 7.03
CA LEU A 25 3.52 -4.87 7.24
C LEU A 25 4.21 -5.93 6.42
N ILE A 26 4.86 -5.53 5.35
CA ILE A 26 5.61 -6.45 4.51
C ILE A 26 6.79 -7.05 5.24
N SER A 27 7.29 -6.33 6.23
CA SER A 27 8.32 -6.87 7.12
C SER A 27 7.73 -7.91 8.04
N ARG A 28 6.53 -7.65 8.54
CA ARG A 28 5.78 -8.64 9.30
C ARG A 28 5.47 -9.88 8.49
N ILE A 29 5.40 -9.72 7.17
CA ILE A 29 4.98 -10.82 6.30
C ILE A 29 6.15 -11.73 5.99
N LYS A 30 7.33 -11.17 5.89
CA LYS A 30 8.53 -11.92 5.53
C LYS A 30 8.87 -12.94 6.60
N GLN A 31 8.53 -12.64 7.83
CA GLN A 31 8.82 -13.53 8.96
C GLN A 31 7.66 -14.46 9.25
N SER A 32 7.13 -15.08 8.22
CA SER A 32 5.98 -15.98 8.37
C SER A 32 5.75 -16.78 7.11
N GLU A 33 6.82 -17.13 6.43
CA GLU A 33 6.73 -17.77 5.12
C GLU A 33 7.51 -19.06 5.05
N LEU A 34 7.64 -19.74 6.17
CA LEU A 34 8.30 -21.05 6.21
C LEU A 34 7.33 -22.14 5.81
N SER A 35 6.08 -22.00 6.19
CA SER A 35 5.10 -23.07 6.04
C SER A 35 5.63 -24.36 6.62
N ALA A 36 6.51 -24.23 7.60
CA ALA A 36 7.23 -25.38 8.14
C ALA A 36 6.41 -26.07 9.22
N LYS A 37 6.10 -25.32 10.26
CA LYS A 37 5.19 -25.78 11.30
C LYS A 37 3.79 -25.27 11.07
N MET A 38 3.70 -24.05 10.57
CA MET A 38 2.42 -23.38 10.37
C MET A 38 1.81 -23.77 9.05
N THR A 1 -13.79 1.44 -12.71
CA THR A 1 -14.12 2.74 -12.14
C THR A 1 -14.11 3.82 -13.19
N PRO A 2 -14.60 4.99 -12.84
CA PRO A 2 -14.63 6.27 -13.68
C PRO A 2 -13.28 6.70 -14.21
N ASP A 3 -13.19 7.96 -14.60
CA ASP A 3 -11.92 8.58 -14.99
C ASP A 3 -10.86 8.30 -13.96
N VAL A 4 -10.01 7.33 -14.24
CA VAL A 4 -8.94 6.94 -13.32
C VAL A 4 -7.61 7.51 -13.75
N SER A 5 -7.64 8.65 -14.42
CA SER A 5 -6.43 9.27 -14.95
C SER A 5 -6.11 10.54 -14.21
N SER A 6 -7.15 11.29 -13.88
CA SER A 6 -7.02 12.47 -13.03
C SER A 6 -7.65 12.23 -11.67
N ALA A 7 -7.55 11.00 -11.20
CA ALA A 7 -8.04 10.65 -9.87
C ALA A 7 -6.91 10.49 -8.86
N LEU A 8 -5.71 10.29 -9.37
CA LEU A 8 -4.51 10.27 -8.54
C LEU A 8 -4.19 11.66 -8.02
N ASP A 9 -4.56 12.67 -8.78
CA ASP A 9 -4.40 14.06 -8.35
C ASP A 9 -4.97 14.27 -6.97
N LYS A 10 -6.15 13.73 -6.73
CA LYS A 10 -6.80 13.84 -5.44
C LYS A 10 -6.05 13.05 -4.38
N LEU A 11 -5.43 11.97 -4.79
CA LEU A 11 -4.62 11.15 -3.89
C LEU A 11 -3.14 11.37 -4.14
N LYS A 12 -2.78 12.60 -4.44
CA LYS A 12 -1.37 13.00 -4.53
C LYS A 12 -0.88 13.47 -3.19
N GLU A 13 -0.98 12.62 -2.18
CA GLU A 13 -0.71 12.99 -0.79
C GLU A 13 -1.08 11.86 0.14
N PHE A 14 -2.35 11.73 0.45
CA PHE A 14 -2.87 10.54 1.12
C PHE A 14 -2.26 9.24 0.63
N GLY A 15 -1.81 9.16 -0.60
CA GLY A 15 -1.32 7.90 -1.17
C GLY A 15 0.17 7.77 -0.96
N ASN A 16 0.88 8.89 -1.07
CA ASN A 16 2.30 8.95 -0.74
C ASN A 16 2.57 8.34 0.62
N THR A 17 1.66 8.57 1.55
CA THR A 17 1.86 8.16 2.93
C THR A 17 1.83 6.65 3.06
N LEU A 18 1.05 6.01 2.22
CA LEU A 18 1.01 4.55 2.14
C LEU A 18 2.38 3.99 1.84
N GLU A 19 3.11 4.67 0.96
CA GLU A 19 4.38 4.14 0.46
C GLU A 19 5.56 4.70 1.24
N ASP A 20 5.36 4.97 2.51
CA ASP A 20 6.44 5.36 3.40
C ASP A 20 6.36 4.62 4.71
N LYS A 21 5.16 4.56 5.26
CA LYS A 21 4.94 3.91 6.56
C LYS A 21 4.66 2.43 6.40
N ALA A 22 4.19 2.04 5.23
CA ALA A 22 4.02 0.63 4.90
C ALA A 22 5.34 -0.04 4.61
N ARG A 23 6.40 0.72 4.46
CA ARG A 23 7.75 0.16 4.34
C ARG A 23 8.14 -0.60 5.58
N GLU A 24 7.81 -0.06 6.73
CA GLU A 24 8.26 -0.62 8.01
C GLU A 24 7.38 -1.77 8.44
N LEU A 25 6.08 -1.60 8.28
CA LEU A 25 5.12 -2.66 8.57
C LEU A 25 5.26 -3.82 7.64
N ILE A 26 5.79 -3.59 6.46
CA ILE A 26 6.00 -4.65 5.47
C ILE A 26 6.99 -5.67 5.98
N SER A 27 7.92 -5.23 6.79
CA SER A 27 8.87 -6.12 7.46
C SER A 27 8.15 -7.06 8.40
N ARG A 28 7.09 -6.56 9.03
CA ARG A 28 6.24 -7.38 9.89
C ARG A 28 5.36 -8.31 9.10
N ILE A 29 5.02 -7.95 7.88
CA ILE A 29 4.06 -8.68 7.08
C ILE A 29 4.67 -9.94 6.48
N LYS A 30 5.96 -9.87 6.20
CA LYS A 30 6.67 -11.01 5.60
C LYS A 30 6.62 -12.21 6.51
N GLN A 31 6.68 -11.97 7.81
CA GLN A 31 6.80 -13.03 8.80
C GLN A 31 5.46 -13.47 9.33
N SER A 32 4.49 -13.61 8.44
CA SER A 32 3.19 -14.18 8.81
C SER A 32 2.25 -14.24 7.63
N GLU A 33 2.78 -14.53 6.46
CA GLU A 33 1.98 -14.70 5.26
C GLU A 33 2.33 -15.98 4.52
N LEU A 34 2.75 -16.99 5.24
CA LEU A 34 2.98 -18.31 4.66
C LEU A 34 1.91 -19.29 5.09
N SER A 35 1.68 -19.38 6.39
CA SER A 35 0.74 -20.36 6.95
C SER A 35 1.23 -21.78 6.76
N ALA A 36 2.50 -21.98 6.53
CA ALA A 36 3.16 -23.29 6.47
C ALA A 36 3.16 -23.84 5.07
N LYS A 37 2.10 -23.61 4.33
CA LYS A 37 1.97 -24.14 2.96
C LYS A 37 0.64 -23.77 2.36
N MET A 38 0.18 -22.56 2.61
CA MET A 38 -1.06 -22.06 2.03
C MET A 38 -0.84 -21.55 0.63
N THR A 1 -12.44 -1.01 -11.94
CA THR A 1 -12.39 0.21 -11.13
C THR A 1 -12.59 1.44 -11.98
N PRO A 2 -12.93 2.54 -11.34
CA PRO A 2 -13.21 3.91 -11.97
C PRO A 2 -12.09 4.43 -12.85
N ASP A 3 -12.22 5.68 -13.27
CA ASP A 3 -11.16 6.36 -14.01
C ASP A 3 -9.86 6.32 -13.23
N VAL A 4 -8.99 5.40 -13.61
CA VAL A 4 -7.73 5.21 -12.90
C VAL A 4 -6.60 5.90 -13.62
N SER A 5 -6.89 7.05 -14.20
CA SER A 5 -5.86 7.90 -14.79
C SER A 5 -5.61 9.12 -13.94
N SER A 6 -6.68 9.66 -13.37
CA SER A 6 -6.57 10.75 -12.41
C SER A 6 -7.36 10.45 -11.15
N ALA A 7 -7.37 9.19 -10.76
CA ALA A 7 -7.97 8.79 -9.49
C ALA A 7 -6.97 8.85 -8.35
N LEU A 8 -5.70 8.77 -8.67
CA LEU A 8 -4.64 8.98 -7.70
C LEU A 8 -4.62 10.41 -7.21
N ASP A 9 -4.99 11.33 -8.09
CA ASP A 9 -5.02 12.75 -7.75
C ASP A 9 -5.84 12.99 -6.50
N LYS A 10 -6.93 12.28 -6.37
CA LYS A 10 -7.85 12.45 -5.25
C LYS A 10 -7.13 12.25 -3.93
N LEU A 11 -6.21 11.30 -3.91
CA LEU A 11 -5.38 11.05 -2.74
C LEU A 11 -4.16 11.95 -2.75
N LYS A 12 -3.12 11.51 -3.43
CA LYS A 12 -1.84 12.20 -3.44
C LYS A 12 -1.26 12.27 -2.03
N GLU A 13 -1.62 13.30 -1.28
CA GLU A 13 -1.27 13.38 0.13
C GLU A 13 -1.55 12.10 0.87
N PHE A 14 -2.79 11.86 1.23
CA PHE A 14 -3.20 10.71 2.04
C PHE A 14 -2.58 9.39 1.65
N GLY A 15 -2.05 9.22 0.45
CA GLY A 15 -1.42 7.97 0.03
C GLY A 15 0.02 7.91 0.48
N ASN A 16 0.73 9.01 0.31
CA ASN A 16 2.10 9.16 0.79
C ASN A 16 2.25 8.67 2.21
N THR A 17 1.24 8.93 3.02
CA THR A 17 1.32 8.65 4.45
C THR A 17 1.43 7.16 4.71
N LEU A 18 0.62 6.39 4.02
CA LEU A 18 0.68 4.94 4.10
C LEU A 18 1.88 4.37 3.37
N GLU A 19 2.57 5.18 2.59
CA GLU A 19 3.84 4.79 2.00
C GLU A 19 5.02 5.19 2.84
N ASP A 20 4.80 5.40 4.12
CA ASP A 20 5.88 5.62 5.08
C ASP A 20 5.88 4.53 6.13
N LYS A 21 4.69 4.08 6.49
CA LYS A 21 4.51 2.92 7.36
C LYS A 21 4.71 1.64 6.60
N ALA A 22 4.18 1.59 5.40
CA ALA A 22 4.42 0.47 4.48
C ALA A 22 5.90 0.13 4.44
N ARG A 23 6.72 1.11 4.74
CA ARG A 23 8.15 0.87 4.94
C ARG A 23 8.43 0.53 6.39
N GLU A 24 9.20 -0.52 6.61
CA GLU A 24 9.47 -1.12 7.91
C GLU A 24 8.45 -2.19 8.24
N LEU A 25 7.23 -2.03 7.75
CA LEU A 25 6.23 -3.09 7.83
C LEU A 25 6.33 -4.02 6.65
N ILE A 26 6.92 -3.54 5.56
CA ILE A 26 7.20 -4.37 4.40
C ILE A 26 8.21 -5.46 4.72
N SER A 27 9.08 -5.19 5.68
CA SER A 27 10.04 -6.19 6.15
C SER A 27 9.33 -7.31 6.87
N ARG A 28 8.39 -6.96 7.72
CA ARG A 28 7.53 -7.93 8.38
C ARG A 28 6.68 -8.71 7.39
N ILE A 29 6.34 -8.07 6.27
CA ILE A 29 5.40 -8.65 5.33
C ILE A 29 6.05 -9.74 4.51
N LYS A 30 7.33 -9.60 4.25
CA LYS A 30 8.09 -10.59 3.49
C LYS A 30 8.05 -11.95 4.16
N GLN A 31 8.00 -11.94 5.49
CA GLN A 31 8.07 -13.18 6.27
C GLN A 31 6.69 -13.71 6.59
N SER A 32 5.79 -13.65 5.61
CA SER A 32 4.42 -14.10 5.80
C SER A 32 3.65 -14.10 4.50
N GLU A 33 4.28 -14.63 3.47
CA GLU A 33 3.71 -14.57 2.11
C GLU A 33 3.59 -15.95 1.50
N LEU A 34 3.51 -16.97 2.32
CA LEU A 34 3.50 -18.35 1.85
C LEU A 34 2.34 -18.61 0.93
N SER A 35 1.20 -18.01 1.25
CA SER A 35 -0.05 -18.31 0.55
C SER A 35 -0.37 -19.78 0.63
N ALA A 36 0.15 -20.45 1.64
CA ALA A 36 0.01 -21.90 1.77
C ALA A 36 -1.40 -22.26 2.21
N LYS A 37 -1.86 -21.59 3.24
CA LYS A 37 -3.24 -21.71 3.69
C LYS A 37 -3.82 -20.34 4.03
N MET A 38 -3.08 -19.56 4.79
CA MET A 38 -3.57 -18.27 5.27
C MET A 38 -3.90 -17.36 4.10
N THR A 1 -15.35 13.88 -17.50
CA THR A 1 -14.30 13.74 -16.48
C THR A 1 -14.09 15.05 -15.75
N PRO A 2 -13.33 14.99 -14.67
CA PRO A 2 -12.90 16.17 -13.80
C PRO A 2 -12.20 17.29 -14.56
N ASP A 3 -11.50 18.14 -13.82
CA ASP A 3 -10.74 19.23 -14.41
C ASP A 3 -9.79 18.75 -15.48
N VAL A 4 -9.36 17.51 -15.40
CA VAL A 4 -8.31 16.98 -16.27
C VAL A 4 -7.11 17.92 -16.29
N SER A 5 -6.40 17.96 -15.19
CA SER A 5 -5.33 18.92 -14.95
C SER A 5 -4.99 18.98 -13.47
N SER A 6 -6.00 18.74 -12.64
CA SER A 6 -5.81 18.58 -11.20
C SER A 6 -6.85 17.64 -10.63
N ALA A 7 -7.01 16.50 -11.27
CA ALA A 7 -7.95 15.48 -10.80
C ALA A 7 -7.22 14.33 -10.14
N LEU A 8 -5.96 14.15 -10.51
CA LEU A 8 -5.08 13.19 -9.85
C LEU A 8 -4.69 13.68 -8.47
N ASP A 9 -4.70 14.98 -8.28
CA ASP A 9 -4.49 15.56 -6.96
C ASP A 9 -5.43 14.96 -5.94
N LYS A 10 -6.65 14.68 -6.36
CA LYS A 10 -7.68 14.18 -5.46
C LYS A 10 -7.25 12.88 -4.81
N LEU A 11 -6.64 12.01 -5.60
CA LEU A 11 -6.33 10.66 -5.15
C LEU A 11 -4.89 10.48 -4.75
N LYS A 12 -4.16 11.57 -4.57
CA LYS A 12 -2.80 11.50 -4.02
C LYS A 12 -2.75 10.62 -2.79
N GLU A 13 -3.23 11.11 -1.66
CA GLU A 13 -3.43 10.32 -0.45
C GLU A 13 -3.90 8.91 -0.72
N PHE A 14 -5.13 8.74 -1.19
CA PHE A 14 -5.77 7.43 -1.34
C PHE A 14 -4.94 6.35 -2.00
N GLY A 15 -3.86 6.66 -2.68
CA GLY A 15 -3.01 5.64 -3.30
C GLY A 15 -1.78 5.38 -2.46
N ASN A 16 -1.20 6.43 -1.92
CA ASN A 16 -0.06 6.32 -1.01
C ASN A 16 -0.34 5.32 0.10
N THR A 17 -1.59 5.22 0.51
CA THR A 17 -1.96 4.39 1.65
C THR A 17 -1.59 2.94 1.43
N LEU A 18 -1.80 2.47 0.20
CA LEU A 18 -1.49 1.10 -0.16
C LEU A 18 0.00 0.84 -0.06
N GLU A 19 0.79 1.83 -0.41
CA GLU A 19 2.24 1.67 -0.52
C GLU A 19 2.96 2.13 0.72
N ASP A 20 2.29 2.09 1.86
CA ASP A 20 2.91 2.46 3.13
C ASP A 20 2.56 1.45 4.21
N LYS A 21 1.28 1.13 4.32
CA LYS A 21 0.83 0.10 5.25
C LYS A 21 1.10 -1.29 4.72
N ALA A 22 1.29 -1.42 3.42
CA ALA A 22 1.73 -2.67 2.81
C ALA A 22 3.23 -2.80 2.81
N ARG A 23 3.92 -1.69 2.67
CA ARG A 23 5.37 -1.69 2.47
C ARG A 23 6.11 -1.92 3.77
N GLU A 24 5.50 -1.56 4.88
CA GLU A 24 6.04 -1.89 6.21
C GLU A 24 5.71 -3.32 6.57
N LEU A 25 4.48 -3.72 6.30
CA LEU A 25 4.00 -5.07 6.61
C LEU A 25 4.76 -6.12 5.84
N ILE A 26 5.38 -5.75 4.73
CA ILE A 26 6.12 -6.68 3.90
C ILE A 26 7.39 -7.16 4.58
N SER A 27 7.94 -6.32 5.45
CA SER A 27 9.07 -6.71 6.28
C SER A 27 8.61 -7.61 7.41
N ARG A 28 7.39 -7.41 7.85
CA ARG A 28 6.75 -8.32 8.81
C ARG A 28 6.45 -9.66 8.20
N ILE A 29 6.31 -9.71 6.89
CA ILE A 29 5.94 -10.93 6.18
C ILE A 29 7.16 -11.79 5.94
N LYS A 30 8.29 -11.14 5.69
CA LYS A 30 9.55 -11.84 5.45
C LYS A 30 10.05 -12.51 6.71
N GLN A 31 9.86 -11.84 7.84
CA GLN A 31 10.21 -12.40 9.14
C GLN A 31 9.04 -13.14 9.75
N SER A 32 8.38 -13.96 8.97
CA SER A 32 7.17 -14.65 9.41
C SER A 32 6.74 -15.69 8.40
N GLU A 33 7.63 -16.63 8.12
CA GLU A 33 7.41 -17.60 7.05
C GLU A 33 7.53 -19.03 7.56
N LEU A 34 7.18 -19.25 8.81
CA LEU A 34 7.10 -20.60 9.37
C LEU A 34 5.65 -21.00 9.58
N SER A 35 4.89 -20.13 10.23
CA SER A 35 3.52 -20.45 10.61
C SER A 35 3.46 -21.74 11.39
N ALA A 36 4.46 -21.98 12.22
CA ALA A 36 4.43 -23.11 13.15
C ALA A 36 4.38 -24.43 12.40
N LYS A 37 5.35 -24.63 11.52
CA LYS A 37 5.52 -25.92 10.85
C LYS A 37 4.42 -26.15 9.84
N MET A 38 3.98 -25.09 9.18
CA MET A 38 3.04 -25.21 8.07
C MET A 38 3.76 -25.49 6.77
N THR A 1 -15.70 3.85 -13.24
CA THR A 1 -14.75 4.69 -12.51
C THR A 1 -15.09 6.15 -12.64
N PRO A 2 -14.68 6.95 -11.67
CA PRO A 2 -14.80 8.47 -11.63
C PRO A 2 -14.17 9.18 -12.82
N ASP A 3 -13.83 10.43 -12.64
CA ASP A 3 -13.07 11.17 -13.63
C ASP A 3 -11.71 10.54 -13.85
N VAL A 4 -11.63 9.61 -14.78
CA VAL A 4 -10.44 8.79 -14.98
C VAL A 4 -9.36 9.58 -15.68
N SER A 5 -8.55 10.28 -14.90
CA SER A 5 -7.55 11.22 -15.39
C SER A 5 -7.09 12.13 -14.27
N SER A 6 -8.03 12.65 -13.52
CA SER A 6 -7.74 13.41 -12.31
C SER A 6 -8.58 12.92 -11.16
N ALA A 7 -8.57 11.62 -10.95
CA ALA A 7 -9.25 11.01 -9.80
C ALA A 7 -8.25 10.50 -8.78
N LEU A 8 -7.05 10.20 -9.25
CA LEU A 8 -5.94 9.86 -8.37
C LEU A 8 -5.45 11.07 -7.61
N ASP A 9 -5.64 12.24 -8.20
CA ASP A 9 -5.29 13.50 -7.54
C ASP A 9 -5.95 13.61 -6.18
N LYS A 10 -7.17 13.11 -6.07
CA LYS A 10 -7.87 13.06 -4.80
C LYS A 10 -6.99 12.49 -3.71
N LEU A 11 -6.31 11.41 -4.04
CA LEU A 11 -5.29 10.85 -3.15
C LEU A 11 -4.04 11.70 -3.17
N LYS A 12 -3.11 11.42 -4.06
CA LYS A 12 -1.80 12.07 -4.07
C LYS A 12 -1.10 11.85 -2.74
N GLU A 13 -1.34 12.69 -1.76
CA GLU A 13 -0.97 12.45 -0.37
C GLU A 13 -1.19 11.02 0.09
N PHE A 14 -2.43 10.54 0.07
CA PHE A 14 -2.78 9.18 0.52
C PHE A 14 -1.82 8.09 0.07
N GLY A 15 -1.01 8.29 -0.94
CA GLY A 15 -0.11 7.25 -1.44
C GLY A 15 1.31 7.51 -1.02
N ASN A 16 1.69 8.77 -0.97
CA ASN A 16 2.97 9.19 -0.42
C ASN A 16 3.25 8.52 0.92
N THR A 17 2.26 8.53 1.77
CA THR A 17 2.40 8.07 3.15
C THR A 17 2.50 6.57 3.23
N LEU A 18 1.73 5.88 2.41
CA LEU A 18 1.69 4.43 2.41
C LEU A 18 2.92 3.81 1.79
N GLU A 19 3.68 4.58 1.05
CA GLU A 19 4.95 4.12 0.49
C GLU A 19 6.13 4.43 1.39
N ASP A 20 5.87 4.68 2.66
CA ASP A 20 6.93 4.82 3.66
C ASP A 20 6.74 3.83 4.79
N LYS A 21 5.50 3.66 5.22
CA LYS A 21 5.18 2.78 6.33
C LYS A 21 5.01 1.35 5.88
N ALA A 22 4.59 1.17 4.64
CA ALA A 22 4.55 -0.15 4.03
C ALA A 22 5.92 -0.75 3.85
N ARG A 23 6.94 0.10 3.78
CA ARG A 23 8.31 -0.34 3.53
C ARG A 23 8.84 -1.16 4.69
N GLU A 24 8.68 -0.62 5.89
CA GLU A 24 9.23 -1.26 7.09
C GLU A 24 8.36 -2.40 7.54
N LEU A 25 7.05 -2.21 7.44
CA LEU A 25 6.08 -3.29 7.70
C LEU A 25 6.31 -4.46 6.77
N ILE A 26 6.89 -4.22 5.61
CA ILE A 26 7.18 -5.28 4.65
C ILE A 26 8.27 -6.19 5.17
N SER A 27 9.16 -5.65 5.95
CA SER A 27 10.17 -6.45 6.65
C SER A 27 9.52 -7.45 7.58
N ARG A 28 8.41 -7.04 8.18
CA ARG A 28 7.61 -7.94 9.01
C ARG A 28 6.84 -8.94 8.19
N ILE A 29 6.47 -8.55 6.98
CA ILE A 29 5.58 -9.36 6.15
C ILE A 29 6.28 -10.63 5.70
N LYS A 30 7.58 -10.53 5.50
CA LYS A 30 8.41 -11.70 5.22
C LYS A 30 8.16 -12.80 6.21
N GLN A 31 8.01 -12.43 7.48
CA GLN A 31 7.75 -13.38 8.55
C GLN A 31 6.27 -13.57 8.78
N SER A 32 5.52 -13.72 7.71
CA SER A 32 4.08 -13.91 7.80
C SER A 32 3.45 -14.10 6.43
N GLU A 33 4.06 -14.98 5.65
CA GLU A 33 3.66 -15.15 4.25
C GLU A 33 3.23 -16.56 3.96
N LEU A 34 2.67 -17.23 4.95
CA LEU A 34 2.07 -18.56 4.78
C LEU A 34 0.73 -18.64 5.48
N SER A 35 0.78 -18.88 6.77
CA SER A 35 -0.35 -18.84 7.70
C SER A 35 -0.93 -20.21 7.92
N ALA A 36 -0.18 -21.25 7.57
CA ALA A 36 -0.50 -22.64 7.90
C ALA A 36 -1.41 -23.27 6.87
N LYS A 37 -2.11 -22.47 6.10
CA LYS A 37 -2.89 -22.96 4.97
C LYS A 37 -2.20 -22.70 3.64
N MET A 38 -1.18 -21.86 3.64
CA MET A 38 -0.35 -21.67 2.46
C MET A 38 0.08 -23.01 1.90
N THR A 1 -10.16 3.64 -15.48
CA THR A 1 -10.99 4.47 -14.59
C THR A 1 -11.49 5.69 -15.33
N PRO A 2 -12.40 6.41 -14.70
CA PRO A 2 -12.99 7.74 -15.15
C PRO A 2 -11.99 8.82 -15.45
N ASP A 3 -12.43 10.06 -15.40
CA ASP A 3 -11.54 11.23 -15.50
C ASP A 3 -10.25 11.03 -14.73
N VAL A 4 -9.19 10.70 -15.43
CA VAL A 4 -7.89 10.48 -14.82
C VAL A 4 -6.94 11.61 -15.13
N SER A 5 -7.47 12.81 -15.20
CA SER A 5 -6.65 14.01 -15.36
C SER A 5 -6.53 14.75 -14.05
N SER A 6 -7.61 14.79 -13.30
CA SER A 6 -7.60 15.38 -11.97
C SER A 6 -8.13 14.39 -10.94
N ALA A 7 -7.64 13.16 -11.01
CA ALA A 7 -7.95 12.16 -9.99
C ALA A 7 -6.81 11.97 -9.02
N LEU A 8 -5.61 12.30 -9.45
CA LEU A 8 -4.44 12.32 -8.58
C LEU A 8 -4.54 13.46 -7.59
N ASP A 9 -5.21 14.52 -7.98
CA ASP A 9 -5.51 15.62 -7.06
C ASP A 9 -6.31 15.14 -5.87
N LYS A 10 -7.27 14.28 -6.13
CA LYS A 10 -8.20 13.83 -5.10
C LYS A 10 -7.47 13.26 -3.91
N LEU A 11 -6.37 12.58 -4.18
CA LEU A 11 -5.49 12.08 -3.13
C LEU A 11 -4.34 13.02 -2.88
N LYS A 12 -3.33 12.94 -3.73
CA LYS A 12 -2.07 13.67 -3.53
C LYS A 12 -1.44 13.26 -2.22
N GLU A 13 -1.68 14.00 -1.16
CA GLU A 13 -1.27 13.60 0.20
C GLU A 13 -1.57 12.15 0.50
N PHE A 14 -2.83 11.84 0.74
CA PHE A 14 -3.30 10.48 1.04
C PHE A 14 -2.76 9.38 0.15
N GLY A 15 -2.10 9.69 -0.95
CA GLY A 15 -1.42 8.67 -1.76
C GLY A 15 0.00 8.44 -1.30
N ASN A 16 0.72 9.52 -1.04
CA ASN A 16 2.08 9.46 -0.51
C ASN A 16 2.16 8.52 0.68
N THR A 17 1.30 8.72 1.65
CA THR A 17 1.31 7.93 2.88
C THR A 17 1.02 6.48 2.60
N LEU A 18 0.23 6.21 1.58
CA LEU A 18 -0.24 4.86 1.28
C LEU A 18 0.84 4.00 0.66
N GLU A 19 1.82 4.63 0.02
CA GLU A 19 2.94 3.91 -0.57
C GLU A 19 3.93 3.47 0.48
N ASP A 20 4.20 4.35 1.43
CA ASP A 20 5.04 4.00 2.58
C ASP A 20 4.30 3.13 3.57
N LYS A 21 2.98 3.07 3.47
CA LYS A 21 2.16 2.26 4.37
C LYS A 21 2.27 0.79 4.05
N ALA A 22 2.06 0.45 2.79
CA ALA A 22 2.28 -0.90 2.30
C ALA A 22 3.75 -1.27 2.32
N ARG A 23 4.62 -0.27 2.31
CA ARG A 23 6.05 -0.48 2.48
C ARG A 23 6.37 -1.20 3.77
N GLU A 24 6.27 -0.48 4.88
CA GLU A 24 6.56 -1.03 6.20
C GLU A 24 5.80 -2.30 6.47
N LEU A 25 4.50 -2.27 6.22
CA LEU A 25 3.62 -3.41 6.50
C LEU A 25 4.04 -4.64 5.72
N ILE A 26 4.67 -4.43 4.58
CA ILE A 26 5.22 -5.53 3.78
C ILE A 26 6.38 -6.20 4.47
N SER A 27 7.17 -5.40 5.19
CA SER A 27 8.22 -5.93 6.05
C SER A 27 7.66 -6.82 7.12
N ARG A 28 6.43 -6.56 7.52
CA ARG A 28 5.72 -7.40 8.49
C ARG A 28 5.12 -8.62 7.83
N ILE A 29 4.78 -8.51 6.57
CA ILE A 29 4.03 -9.56 5.87
C ILE A 29 4.93 -10.76 5.60
N LYS A 30 6.19 -10.50 5.36
CA LYS A 30 7.16 -11.54 5.04
C LYS A 30 7.25 -12.56 6.16
N GLN A 31 7.13 -12.08 7.39
CA GLN A 31 7.18 -12.94 8.57
C GLN A 31 5.78 -13.40 8.96
N SER A 32 5.05 -13.92 8.01
CA SER A 32 3.76 -14.55 8.29
C SER A 32 3.28 -15.36 7.10
N GLU A 33 4.22 -15.97 6.41
CA GLU A 33 3.92 -16.71 5.18
C GLU A 33 4.35 -18.15 5.28
N LEU A 34 4.33 -18.70 6.47
CA LEU A 34 4.64 -20.11 6.69
C LEU A 34 3.43 -20.87 7.15
N SER A 35 2.64 -20.25 8.02
CA SER A 35 1.52 -20.92 8.66
C SER A 35 1.95 -22.24 9.27
N ALA A 36 3.16 -22.28 9.80
CA ALA A 36 3.63 -23.43 10.56
C ALA A 36 3.75 -24.65 9.67
N LYS A 37 4.53 -24.51 8.61
CA LYS A 37 4.81 -25.62 7.71
C LYS A 37 3.53 -26.14 7.08
N MET A 38 2.63 -25.24 6.76
CA MET A 38 1.42 -25.59 6.03
C MET A 38 1.74 -26.30 4.74
N THR A 1 -11.71 8.18 -18.73
CA THR A 1 -12.15 8.89 -17.53
C THR A 1 -11.87 10.36 -17.63
N PRO A 2 -12.44 11.13 -16.72
CA PRO A 2 -12.28 12.64 -16.56
C PRO A 2 -10.84 13.10 -16.45
N ASP A 3 -10.67 14.34 -16.03
CA ASP A 3 -9.35 14.88 -15.73
C ASP A 3 -8.59 13.96 -14.78
N VAL A 4 -7.70 13.16 -15.34
CA VAL A 4 -6.97 12.16 -14.57
C VAL A 4 -5.61 12.68 -14.14
N SER A 5 -5.07 13.63 -14.89
CA SER A 5 -3.81 14.27 -14.53
C SER A 5 -3.88 14.85 -13.13
N SER A 6 -4.87 15.70 -12.90
CA SER A 6 -5.06 16.32 -11.60
C SER A 6 -6.19 15.65 -10.84
N ALA A 7 -6.32 14.35 -10.99
CA ALA A 7 -7.26 13.56 -10.20
C ALA A 7 -6.58 12.85 -9.05
N LEU A 8 -5.27 12.70 -9.14
CA LEU A 8 -4.47 12.17 -8.04
C LEU A 8 -4.27 13.22 -6.96
N ASP A 9 -4.27 14.47 -7.36
CA ASP A 9 -4.25 15.59 -6.42
C ASP A 9 -5.29 15.40 -5.33
N LYS A 10 -6.49 15.00 -5.74
CA LYS A 10 -7.62 14.93 -4.82
C LYS A 10 -7.29 14.07 -3.62
N LEU A 11 -6.57 12.98 -3.87
CA LEU A 11 -6.14 12.08 -2.80
C LEU A 11 -5.07 12.72 -1.95
N LYS A 12 -3.86 12.76 -2.47
CA LYS A 12 -2.65 13.18 -1.76
C LYS A 12 -2.77 13.06 -0.26
N GLU A 13 -3.07 11.88 0.23
CA GLU A 13 -3.38 11.65 1.65
C GLU A 13 -3.94 10.27 1.85
N PHE A 14 -5.22 10.11 1.58
CA PHE A 14 -5.85 8.79 1.50
C PHE A 14 -5.06 7.78 0.70
N GLY A 15 -4.22 8.17 -0.23
CA GLY A 15 -3.55 7.23 -1.15
C GLY A 15 -2.15 6.93 -0.68
N ASN A 16 -1.54 7.90 -0.02
CA ASN A 16 -0.25 7.69 0.64
C ASN A 16 -0.32 6.56 1.63
N THR A 17 -1.46 6.43 2.29
CA THR A 17 -1.65 5.39 3.30
C THR A 17 -1.59 4.01 2.70
N LEU A 18 -1.96 3.88 1.44
CA LEU A 18 -2.00 2.58 0.77
C LEU A 18 -0.60 2.10 0.44
N GLU A 19 0.21 2.99 -0.09
CA GLU A 19 1.59 2.67 -0.45
C GLU A 19 2.45 2.43 0.77
N ASP A 20 2.06 2.96 1.90
CA ASP A 20 2.72 2.67 3.17
C ASP A 20 2.11 1.48 3.89
N LYS A 21 0.91 1.09 3.51
CA LYS A 21 0.23 -0.04 4.13
C LYS A 21 0.78 -1.36 3.64
N ALA A 22 1.31 -1.35 2.42
CA ALA A 22 1.97 -2.52 1.86
C ALA A 22 3.41 -2.62 2.31
N ARG A 23 4.05 -1.49 2.52
CA ARG A 23 5.46 -1.44 2.85
C ARG A 23 5.72 -1.96 4.25
N GLU A 24 5.09 -1.31 5.23
CA GLU A 24 5.16 -1.74 6.61
C GLU A 24 4.68 -3.17 6.78
N LEU A 25 3.54 -3.47 6.21
CA LEU A 25 2.97 -4.82 6.28
C LEU A 25 3.95 -5.85 5.74
N ILE A 26 4.78 -5.45 4.80
CA ILE A 26 5.77 -6.34 4.21
C ILE A 26 6.83 -6.71 5.19
N SER A 27 7.16 -5.77 6.06
CA SER A 27 8.06 -6.03 7.19
C SER A 27 7.50 -7.08 8.11
N ARG A 28 6.19 -7.17 8.18
CA ARG A 28 5.52 -8.22 8.96
C ARG A 28 5.45 -9.53 8.21
N ILE A 29 5.42 -9.45 6.89
CA ILE A 29 5.19 -10.63 6.06
C ILE A 29 6.42 -11.49 5.98
N LYS A 30 7.59 -10.86 6.01
CA LYS A 30 8.86 -11.55 5.79
C LYS A 30 9.27 -12.34 6.99
N GLN A 31 8.96 -11.83 8.17
CA GLN A 31 9.44 -12.41 9.43
C GLN A 31 8.45 -13.40 10.01
N SER A 32 7.71 -14.08 9.16
CA SER A 32 6.79 -15.12 9.61
C SER A 32 6.26 -15.96 8.47
N GLU A 33 7.06 -16.12 7.43
CA GLU A 33 6.69 -16.98 6.31
C GLU A 33 7.82 -17.84 5.79
N LEU A 34 8.81 -18.09 6.62
CA LEU A 34 9.88 -19.03 6.26
C LEU A 34 9.55 -20.50 6.55
N SER A 35 9.00 -20.74 7.72
CA SER A 35 8.54 -22.07 8.12
C SER A 35 7.45 -21.91 9.16
N ALA A 36 6.76 -20.78 9.04
CA ALA A 36 5.87 -20.29 10.08
C ALA A 36 4.90 -21.36 10.51
N LYS A 37 4.04 -21.76 9.60
CA LYS A 37 3.14 -22.89 9.80
C LYS A 37 3.23 -23.92 8.70
N MET A 38 3.97 -23.63 7.64
CA MET A 38 4.00 -24.47 6.46
C MET A 38 4.92 -25.65 6.64
N THR A 1 -15.87 9.48 -16.64
CA THR A 1 -15.59 10.65 -15.82
C THR A 1 -14.89 11.72 -16.63
N PRO A 2 -14.80 12.91 -16.06
CA PRO A 2 -14.08 14.13 -16.64
C PRO A 2 -12.63 13.91 -16.99
N ASP A 3 -11.90 14.99 -17.12
CA ASP A 3 -10.45 14.93 -17.35
C ASP A 3 -9.77 14.02 -16.37
N VAL A 4 -9.40 12.84 -16.83
CA VAL A 4 -8.70 11.87 -16.00
C VAL A 4 -7.21 11.92 -16.23
N SER A 5 -6.69 13.11 -16.43
CA SER A 5 -5.25 13.33 -16.52
C SER A 5 -4.73 14.05 -15.29
N SER A 6 -5.56 14.91 -14.72
CA SER A 6 -5.23 15.58 -13.46
C SER A 6 -6.33 15.36 -12.44
N ALA A 7 -6.92 14.18 -12.45
CA ALA A 7 -7.88 13.78 -11.43
C ALA A 7 -7.25 12.90 -10.37
N LEU A 8 -6.15 12.26 -10.72
CA LEU A 8 -5.35 11.50 -9.75
C LEU A 8 -4.63 12.43 -8.80
N ASP A 9 -4.32 13.63 -9.26
CA ASP A 9 -3.68 14.63 -8.41
C ASP A 9 -4.45 14.82 -7.12
N LYS A 10 -5.77 14.79 -7.21
CA LYS A 10 -6.63 14.97 -6.05
C LYS A 10 -6.24 14.03 -4.93
N LEU A 11 -5.91 12.80 -5.29
CA LEU A 11 -5.37 11.83 -4.35
C LEU A 11 -3.96 12.22 -3.94
N LYS A 12 -2.96 11.65 -4.59
CA LYS A 12 -1.56 11.87 -4.22
C LYS A 12 -1.29 11.45 -2.80
N GLU A 13 -1.49 12.35 -1.86
CA GLU A 13 -1.40 12.05 -0.43
C GLU A 13 -1.98 10.70 -0.07
N PHE A 14 -3.30 10.61 -0.04
CA PHE A 14 -4.01 9.42 0.41
C PHE A 14 -3.46 8.10 -0.08
N GLY A 15 -2.73 8.06 -1.18
CA GLY A 15 -2.19 6.81 -1.71
C GLY A 15 -0.85 6.49 -1.07
N ASN A 16 -0.02 7.50 -0.92
CA ASN A 16 1.23 7.39 -0.18
C ASN A 16 1.01 6.79 1.18
N THR A 17 -0.12 7.12 1.79
CA THR A 17 -0.43 6.67 3.14
C THR A 17 -0.36 5.16 3.25
N LEU A 18 -0.97 4.49 2.28
CA LEU A 18 -0.93 3.04 2.22
C LEU A 18 0.48 2.53 2.05
N GLU A 19 1.28 3.26 1.30
CA GLU A 19 2.64 2.85 0.98
C GLU A 19 3.65 3.48 1.91
N ASP A 20 3.25 3.71 3.14
CA ASP A 20 4.17 4.16 4.18
C ASP A 20 4.03 3.34 5.44
N LYS A 21 2.80 3.17 5.88
CA LYS A 21 2.51 2.44 7.11
C LYS A 21 2.37 0.95 6.86
N ALA A 22 2.05 0.59 5.64
CA ALA A 22 2.05 -0.82 5.22
C ALA A 22 3.44 -1.36 5.04
N ARG A 23 4.42 -0.48 4.89
CA ARG A 23 5.82 -0.87 4.87
C ARG A 23 6.21 -1.58 6.14
N GLU A 24 5.79 -1.04 7.27
CA GLU A 24 6.22 -1.53 8.57
C GLU A 24 5.54 -2.83 8.93
N LEU A 25 4.25 -2.90 8.65
CA LEU A 25 3.48 -4.13 8.83
C LEU A 25 3.97 -5.23 7.92
N ILE A 26 4.60 -4.87 6.82
CA ILE A 26 5.16 -5.86 5.90
C ILE A 26 6.32 -6.60 6.53
N SER A 27 6.98 -5.96 7.48
CA SER A 27 8.01 -6.63 8.27
C SER A 27 7.41 -7.73 9.11
N ARG A 28 6.22 -7.50 9.63
CA ARG A 28 5.45 -8.53 10.32
C ARG A 28 4.99 -9.61 9.38
N ILE A 29 4.75 -9.26 8.13
CA ILE A 29 4.16 -10.17 7.16
C ILE A 29 5.12 -11.29 6.82
N LYS A 30 6.38 -10.95 6.69
CA LYS A 30 7.42 -11.91 6.30
C LYS A 30 7.47 -13.07 7.26
N GLN A 31 7.15 -12.84 8.52
CA GLN A 31 7.32 -13.83 9.57
C GLN A 31 6.10 -14.70 9.77
N SER A 32 5.31 -14.88 8.72
CA SER A 32 4.19 -15.83 8.76
C SER A 32 3.51 -15.94 7.42
N GLU A 33 4.27 -15.86 6.35
CA GLU A 33 3.76 -16.09 5.00
C GLU A 33 4.66 -16.98 4.19
N LEU A 34 5.47 -17.79 4.86
CA LEU A 34 6.49 -18.58 4.20
C LEU A 34 5.89 -19.56 3.21
N SER A 35 4.73 -20.09 3.55
CA SER A 35 4.14 -21.19 2.80
C SER A 35 5.12 -22.33 2.68
N ALA A 36 6.03 -22.42 3.65
CA ALA A 36 7.14 -23.36 3.59
C ALA A 36 6.95 -24.48 4.57
N LYS A 37 5.71 -24.91 4.74
CA LYS A 37 5.37 -25.95 5.70
C LYS A 37 5.83 -25.57 7.10
N MET A 38 5.35 -24.45 7.58
CA MET A 38 5.62 -24.02 8.95
C MET A 38 5.33 -25.12 9.94
N THR A 1 -15.21 7.61 -19.35
CA THR A 1 -15.01 8.06 -17.97
C THR A 1 -15.05 9.57 -17.89
N PRO A 2 -15.39 10.09 -16.73
CA PRO A 2 -15.39 11.58 -16.37
C PRO A 2 -14.06 12.26 -16.55
N ASP A 3 -13.80 13.30 -15.77
CA ASP A 3 -12.49 13.94 -15.73
C ASP A 3 -11.38 12.90 -15.71
N VAL A 4 -11.44 12.02 -14.73
CA VAL A 4 -10.54 10.87 -14.65
C VAL A 4 -9.09 11.26 -14.87
N SER A 5 -8.76 12.50 -14.54
CA SER A 5 -7.43 13.03 -14.77
C SER A 5 -6.87 13.67 -13.51
N SER A 6 -7.67 14.52 -12.91
CA SER A 6 -7.35 15.09 -11.60
C SER A 6 -8.10 14.38 -10.50
N ALA A 7 -8.36 13.10 -10.70
CA ALA A 7 -9.07 12.29 -9.71
C ALA A 7 -8.13 11.54 -8.81
N LEU A 8 -6.92 11.33 -9.29
CA LEU A 8 -5.85 10.75 -8.47
C LEU A 8 -5.25 11.79 -7.55
N ASP A 9 -5.32 13.04 -7.97
CA ASP A 9 -4.92 14.17 -7.12
C ASP A 9 -5.57 14.07 -5.75
N LYS A 10 -6.82 13.66 -5.73
CA LYS A 10 -7.58 13.58 -4.48
C LYS A 10 -6.85 12.76 -3.45
N LEU A 11 -6.24 11.68 -3.91
CA LEU A 11 -5.42 10.83 -3.03
C LEU A 11 -4.08 11.48 -2.77
N LYS A 12 -3.06 11.12 -3.54
CA LYS A 12 -1.71 11.64 -3.35
C LYS A 12 -1.18 11.34 -1.97
N GLU A 13 -1.44 12.21 -1.01
CA GLU A 13 -1.12 11.96 0.39
C GLU A 13 -1.42 10.54 0.84
N PHE A 14 -2.69 10.21 0.99
CA PHE A 14 -3.16 8.89 1.43
C PHE A 14 -2.27 7.75 0.98
N GLY A 15 -1.71 7.81 -0.21
CA GLY A 15 -0.94 6.71 -0.78
C GLY A 15 0.47 6.70 -0.22
N ASN A 16 1.05 7.87 -0.11
CA ASN A 16 2.33 8.06 0.58
C ASN A 16 2.39 7.30 1.88
N THR A 17 1.27 7.25 2.58
CA THR A 17 1.22 6.65 3.91
C THR A 17 1.46 5.17 3.84
N LEU A 18 0.86 4.52 2.86
CA LEU A 18 1.13 3.12 2.58
C LEU A 18 2.59 2.89 2.24
N GLU A 19 3.21 3.87 1.62
CA GLU A 19 4.58 3.73 1.12
C GLU A 19 5.60 4.29 2.09
N ASP A 20 5.30 4.21 3.37
CA ASP A 20 6.25 4.56 4.42
C ASP A 20 6.17 3.59 5.58
N LYS A 21 4.96 3.30 6.00
CA LYS A 21 4.72 2.40 7.14
C LYS A 21 4.58 0.96 6.71
N ALA A 22 4.43 0.71 5.42
CA ALA A 22 4.43 -0.64 4.89
C ALA A 22 5.83 -1.12 4.52
N ARG A 23 6.82 -0.25 4.63
CA ARG A 23 8.22 -0.65 4.47
C ARG A 23 8.67 -1.54 5.60
N GLU A 24 8.37 -1.14 6.82
CA GLU A 24 8.81 -1.88 8.00
C GLU A 24 8.06 -3.19 8.14
N LEU A 25 6.77 -3.15 7.88
CA LEU A 25 5.93 -4.34 7.97
C LEU A 25 6.19 -5.30 6.82
N ILE A 26 6.74 -4.80 5.74
CA ILE A 26 7.18 -5.65 4.63
C ILE A 26 8.24 -6.62 5.08
N SER A 27 8.97 -6.27 6.13
CA SER A 27 9.91 -7.20 6.75
C SER A 27 9.18 -8.36 7.38
N ARG A 28 8.04 -8.06 7.98
CA ARG A 28 7.14 -9.09 8.50
C ARG A 28 6.56 -9.94 7.38
N ILE A 29 6.42 -9.36 6.20
CA ILE A 29 5.75 -10.02 5.09
C ILE A 29 6.59 -11.15 4.56
N LYS A 30 7.89 -10.95 4.53
CA LYS A 30 8.84 -12.00 4.19
C LYS A 30 8.61 -13.24 5.03
N GLN A 31 8.42 -13.03 6.32
CA GLN A 31 8.32 -14.13 7.28
C GLN A 31 6.88 -14.51 7.56
N SER A 32 6.05 -14.41 6.54
CA SER A 32 4.65 -14.83 6.64
C SER A 32 3.96 -14.76 5.29
N GLU A 33 4.47 -15.52 4.34
CA GLU A 33 4.02 -15.42 2.96
C GLU A 33 3.56 -16.75 2.40
N LEU A 34 3.04 -17.61 3.26
CA LEU A 34 2.41 -18.85 2.83
C LEU A 34 0.93 -18.87 3.16
N SER A 35 0.59 -18.39 4.34
CA SER A 35 -0.77 -18.53 4.85
C SER A 35 -1.18 -19.98 4.84
N ALA A 36 -0.18 -20.85 4.95
CA ALA A 36 -0.36 -22.29 4.77
C ALA A 36 -1.10 -22.88 5.95
N LYS A 37 -0.46 -22.85 7.10
CA LYS A 37 -0.98 -23.50 8.31
C LYS A 37 -0.24 -23.04 9.53
N MET A 38 0.18 -21.79 9.52
CA MET A 38 0.80 -21.17 10.70
C MET A 38 -0.26 -20.62 11.64
N THR A 1 -3.73 9.65 -18.59
CA THR A 1 -4.76 8.81 -17.99
C THR A 1 -6.14 9.27 -18.39
N PRO A 2 -7.12 8.42 -18.15
CA PRO A 2 -8.61 8.68 -18.35
C PRO A 2 -9.15 9.87 -17.60
N ASP A 3 -10.45 9.88 -17.35
CA ASP A 3 -11.05 10.90 -16.49
C ASP A 3 -10.50 10.85 -15.08
N VAL A 4 -9.83 9.78 -14.73
CA VAL A 4 -9.21 9.63 -13.41
C VAL A 4 -7.78 10.11 -13.40
N SER A 5 -7.52 11.27 -13.98
CA SER A 5 -6.21 11.89 -13.91
C SER A 5 -6.10 12.81 -12.72
N SER A 6 -7.17 13.54 -12.44
CA SER A 6 -7.18 14.49 -11.33
C SER A 6 -8.24 14.12 -10.32
N ALA A 7 -8.36 12.84 -10.03
CA ALA A 7 -9.23 12.35 -8.96
C ALA A 7 -8.44 11.84 -7.77
N LEU A 8 -7.20 11.46 -8.02
CA LEU A 8 -6.27 11.10 -6.95
C LEU A 8 -5.92 12.29 -6.10
N ASP A 9 -5.92 13.46 -6.71
CA ASP A 9 -5.65 14.70 -5.99
C ASP A 9 -6.60 14.87 -4.81
N LYS A 10 -7.81 14.38 -4.96
CA LYS A 10 -8.81 14.48 -3.90
C LYS A 10 -8.47 13.59 -2.74
N LEU A 11 -7.87 12.44 -3.04
CA LEU A 11 -7.33 11.55 -2.02
C LEU A 11 -5.82 11.62 -1.98
N LYS A 12 -5.27 12.78 -2.24
CA LYS A 12 -3.83 12.99 -2.24
C LYS A 12 -3.17 12.39 -1.02
N GLU A 13 -3.30 13.03 0.13
CA GLU A 13 -2.87 12.47 1.42
C GLU A 13 -3.16 11.00 1.56
N PHE A 14 -4.43 10.64 1.72
CA PHE A 14 -4.87 9.26 1.93
C PHE A 14 -4.12 8.22 1.14
N GLY A 15 -3.57 8.55 -0.02
CA GLY A 15 -2.79 7.61 -0.82
C GLY A 15 -1.39 7.46 -0.27
N ASN A 16 -0.76 8.59 0.01
CA ASN A 16 0.52 8.64 0.71
C ASN A 16 0.58 7.65 1.85
N THR A 17 -0.46 7.63 2.67
CA THR A 17 -0.46 6.85 3.90
C THR A 17 -0.18 5.39 3.65
N LEU A 18 -0.88 4.83 2.68
CA LEU A 18 -0.82 3.39 2.42
C LEU A 18 0.48 2.99 1.76
N GLU A 19 1.10 3.92 1.06
CA GLU A 19 2.39 3.67 0.41
C GLU A 19 3.56 3.87 1.33
N ASP A 20 3.33 4.01 2.62
CA ASP A 20 4.41 4.04 3.61
C ASP A 20 4.34 2.84 4.53
N LYS A 21 3.15 2.54 5.02
CA LYS A 21 2.94 1.40 5.89
C LYS A 21 2.98 0.10 5.13
N ALA A 22 2.72 0.16 3.83
CA ALA A 22 2.88 -0.98 2.95
C ALA A 22 4.34 -1.38 2.80
N ARG A 23 5.22 -0.41 2.85
CA ARG A 23 6.63 -0.63 2.56
C ARG A 23 7.29 -1.45 3.65
N GLU A 24 7.06 -1.06 4.89
CA GLU A 24 7.68 -1.72 6.04
C GLU A 24 6.99 -3.02 6.36
N LEU A 25 5.68 -3.02 6.22
CA LEU A 25 4.88 -4.24 6.34
C LEU A 25 5.33 -5.29 5.34
N ILE A 26 5.88 -4.86 4.23
CA ILE A 26 6.38 -5.77 3.21
C ILE A 26 7.58 -6.54 3.72
N SER A 27 8.36 -5.92 4.58
CA SER A 27 9.46 -6.60 5.26
C SER A 27 8.92 -7.64 6.22
N ARG A 28 7.76 -7.36 6.78
CA ARG A 28 7.05 -8.33 7.62
C ARG A 28 6.47 -9.47 6.82
N ILE A 29 6.17 -9.22 5.56
CA ILE A 29 5.46 -10.18 4.72
C ILE A 29 6.40 -11.25 4.21
N LYS A 30 7.65 -10.88 4.03
CA LYS A 30 8.70 -11.84 3.68
C LYS A 30 8.75 -12.98 4.68
N GLN A 31 8.51 -12.66 5.94
CA GLN A 31 8.58 -13.64 7.02
C GLN A 31 7.24 -14.26 7.31
N SER A 32 6.54 -14.66 6.26
CA SER A 32 5.28 -15.40 6.41
C SER A 32 4.67 -15.70 5.07
N GLU A 33 5.43 -16.38 4.21
CA GLU A 33 5.03 -16.59 2.83
C GLU A 33 4.74 -18.05 2.54
N LEU A 34 4.32 -18.80 3.55
CA LEU A 34 3.87 -20.17 3.36
C LEU A 34 2.46 -20.36 3.88
N SER A 35 2.15 -19.74 5.00
CA SER A 35 0.89 -20.01 5.70
C SER A 35 0.78 -21.48 6.03
N ALA A 36 1.92 -22.13 6.15
CA ALA A 36 1.98 -23.59 6.29
C ALA A 36 1.34 -24.02 7.60
N LYS A 37 1.94 -23.60 8.69
CA LYS A 37 1.45 -23.93 10.03
C LYS A 37 1.83 -22.85 11.03
N MET A 38 1.90 -21.62 10.55
CA MET A 38 2.42 -20.51 11.34
C MET A 38 1.28 -19.70 11.93
N THR A 1 -17.40 8.14 -12.55
CA THR A 1 -16.17 8.71 -12.00
C THR A 1 -16.06 10.18 -12.36
N PRO A 2 -15.27 10.91 -11.58
CA PRO A 2 -14.90 12.37 -11.78
C PRO A 2 -14.27 12.68 -13.13
N ASP A 3 -13.53 13.77 -13.19
CA ASP A 3 -12.73 14.11 -14.37
C ASP A 3 -11.98 12.90 -14.88
N VAL A 4 -11.56 12.04 -13.98
CA VAL A 4 -10.77 10.86 -14.33
C VAL A 4 -9.63 11.21 -15.25
N SER A 5 -9.07 12.39 -15.06
CA SER A 5 -7.88 12.82 -15.78
C SER A 5 -6.93 13.57 -14.87
N SER A 6 -7.50 14.43 -14.04
CA SER A 6 -6.74 15.10 -12.99
C SER A 6 -7.19 14.64 -11.63
N ALA A 7 -7.59 13.38 -11.54
CA ALA A 7 -8.05 12.80 -10.28
C ALA A 7 -6.92 12.25 -9.45
N LEU A 8 -5.81 11.94 -10.11
CA LEU A 8 -4.58 11.54 -9.43
C LEU A 8 -3.96 12.72 -8.71
N ASP A 9 -4.18 13.91 -9.24
CA ASP A 9 -3.78 15.14 -8.57
C ASP A 9 -4.39 15.22 -7.19
N LYS A 10 -5.57 14.68 -7.04
CA LYS A 10 -6.26 14.65 -5.75
C LYS A 10 -5.63 13.63 -4.83
N LEU A 11 -5.17 12.53 -5.41
CA LEU A 11 -4.57 11.44 -4.63
C LEU A 11 -3.06 11.53 -4.64
N LYS A 12 -2.55 12.75 -4.62
CA LYS A 12 -1.13 12.99 -4.44
C LYS A 12 -0.80 13.11 -2.96
N GLU A 13 -1.17 12.10 -2.19
CA GLU A 13 -1.11 12.15 -0.73
C GLU A 13 -1.61 10.86 -0.14
N PHE A 14 -2.92 10.71 0.00
CA PHE A 14 -3.53 9.44 0.33
C PHE A 14 -2.93 8.26 -0.39
N GLY A 15 -2.30 8.42 -1.53
CA GLY A 15 -1.69 7.31 -2.26
C GLY A 15 -0.27 7.08 -1.80
N ASN A 16 0.44 8.17 -1.55
CA ASN A 16 1.77 8.13 -0.94
C ASN A 16 1.76 7.31 0.33
N THR A 17 0.63 7.29 1.03
CA THR A 17 0.55 6.65 2.34
C THR A 17 0.76 5.15 2.22
N LEU A 18 0.30 4.58 1.13
CA LEU A 18 0.43 3.15 0.88
C LEU A 18 1.88 2.74 0.75
N GLU A 19 2.73 3.65 0.31
CA GLU A 19 4.15 3.37 0.12
C GLU A 19 4.99 3.95 1.25
N ASP A 20 4.43 3.98 2.44
CA ASP A 20 5.18 4.36 3.63
C ASP A 20 4.90 3.42 4.77
N LYS A 21 3.64 3.29 5.12
CA LYS A 21 3.20 2.40 6.20
C LYS A 21 3.26 0.95 5.79
N ALA A 22 3.17 0.68 4.49
CA ALA A 22 3.32 -0.68 3.97
C ALA A 22 4.75 -1.16 4.09
N ARG A 23 5.69 -0.23 4.19
CA ARG A 23 7.08 -0.57 4.48
C ARG A 23 7.21 -1.32 5.78
N GLU A 24 6.50 -0.86 6.80
CA GLU A 24 6.64 -1.39 8.14
C GLU A 24 5.93 -2.71 8.28
N LEU A 25 4.75 -2.80 7.71
CA LEU A 25 3.99 -4.05 7.65
C LEU A 25 4.73 -5.12 6.86
N ILE A 26 5.61 -4.70 5.98
CA ILE A 26 6.43 -5.62 5.20
C ILE A 26 7.46 -6.31 6.06
N SER A 27 7.93 -5.61 7.09
CA SER A 27 8.80 -6.21 8.08
C SER A 27 8.06 -7.27 8.87
N ARG A 28 6.78 -7.06 9.06
CA ARG A 28 5.88 -8.05 9.64
C ARG A 28 5.64 -9.21 8.71
N ILE A 29 5.68 -8.94 7.41
CA ILE A 29 5.33 -9.94 6.40
C ILE A 29 6.39 -11.02 6.32
N LYS A 30 7.63 -10.62 6.54
CA LYS A 30 8.75 -11.56 6.63
C LYS A 30 8.49 -12.60 7.70
N GLN A 31 7.82 -12.19 8.75
CA GLN A 31 7.55 -13.07 9.90
C GLN A 31 6.23 -13.77 9.77
N SER A 32 5.94 -14.29 8.59
CA SER A 32 4.76 -15.13 8.37
C SER A 32 4.92 -15.94 7.11
N GLU A 33 6.12 -16.45 6.90
CA GLU A 33 6.47 -17.12 5.64
C GLU A 33 6.67 -18.61 5.84
N LEU A 34 5.97 -19.16 6.81
CA LEU A 34 6.17 -20.55 7.23
C LEU A 34 5.80 -21.57 6.15
N SER A 35 5.13 -21.10 5.12
CA SER A 35 4.55 -21.95 4.08
C SER A 35 3.16 -22.41 4.48
N ALA A 36 2.52 -21.59 5.30
CA ALA A 36 1.11 -21.78 5.62
C ALA A 36 0.89 -23.05 6.41
N LYS A 37 1.18 -22.98 7.69
CA LYS A 37 1.02 -24.11 8.59
C LYS A 37 1.74 -25.34 8.07
N MET A 38 2.86 -25.13 7.41
CA MET A 38 3.72 -26.23 6.99
C MET A 38 4.42 -26.85 8.17
N THR A 1 -14.13 5.46 -16.57
CA THR A 1 -14.37 6.19 -15.33
C THR A 1 -14.54 7.67 -15.59
N PRO A 2 -15.04 8.38 -14.60
CA PRO A 2 -15.23 9.90 -14.57
C PRO A 2 -13.97 10.69 -14.82
N ASP A 3 -13.94 11.92 -14.33
CA ASP A 3 -12.75 12.76 -14.35
C ASP A 3 -11.53 11.98 -13.95
N VAL A 4 -10.76 11.55 -14.94
CA VAL A 4 -9.46 10.93 -14.71
C VAL A 4 -8.36 11.97 -14.70
N SER A 5 -7.29 11.68 -14.00
CA SER A 5 -6.10 12.53 -13.92
C SER A 5 -6.19 13.48 -12.75
N SER A 6 -7.39 13.89 -12.39
CA SER A 6 -7.63 14.66 -11.18
C SER A 6 -8.39 13.84 -10.17
N ALA A 7 -8.19 12.54 -10.20
CA ALA A 7 -8.93 11.61 -9.34
C ALA A 7 -8.04 11.00 -8.28
N LEU A 8 -6.76 10.95 -8.55
CA LEU A 8 -5.76 10.54 -7.56
C LEU A 8 -5.48 11.64 -6.57
N ASP A 9 -5.80 12.88 -6.92
CA ASP A 9 -5.73 14.00 -5.98
C ASP A 9 -6.40 13.67 -4.68
N LYS A 10 -7.54 13.00 -4.76
CA LYS A 10 -8.30 12.63 -3.56
C LYS A 10 -7.58 11.58 -2.76
N LEU A 11 -6.86 10.71 -3.45
CA LEU A 11 -6.08 9.66 -2.80
C LEU A 11 -4.64 10.05 -2.57
N LYS A 12 -4.33 11.32 -2.63
CA LYS A 12 -3.00 11.80 -2.20
C LYS A 12 -2.89 11.66 -0.71
N GLU A 13 -1.71 11.53 -0.15
CA GLU A 13 -1.49 11.14 1.23
C GLU A 13 -1.72 9.66 1.40
N PHE A 14 -2.96 9.21 1.26
CA PHE A 14 -3.29 7.78 1.21
C PHE A 14 -2.24 6.95 0.50
N GLY A 15 -1.54 7.49 -0.47
CA GLY A 15 -0.60 6.71 -1.28
C GLY A 15 0.76 6.66 -0.64
N ASN A 16 1.27 7.83 -0.29
CA ASN A 16 2.56 7.95 0.38
C ASN A 16 2.68 7.01 1.55
N THR A 17 1.59 6.81 2.25
CA THR A 17 1.57 6.06 3.50
C THR A 17 1.82 4.58 3.27
N LEU A 18 1.24 4.06 2.22
CA LEU A 18 1.46 2.66 1.83
C LEU A 18 2.91 2.41 1.47
N GLU A 19 3.60 3.44 1.01
CA GLU A 19 5.00 3.31 0.61
C GLU A 19 5.95 3.74 1.72
N ASP A 20 5.54 3.52 2.95
CA ASP A 20 6.41 3.75 4.10
C ASP A 20 6.30 2.62 5.10
N LYS A 21 5.07 2.28 5.45
CA LYS A 21 4.78 1.21 6.40
C LYS A 21 4.87 -0.16 5.76
N ALA A 22 4.74 -0.21 4.44
CA ALA A 22 4.97 -1.44 3.69
C ALA A 22 6.42 -1.82 3.63
N ARG A 23 7.30 -0.84 3.80
CA ARG A 23 8.74 -1.09 3.82
C ARG A 23 9.13 -2.00 4.96
N GLU A 24 8.62 -1.72 6.14
CA GLU A 24 9.01 -2.46 7.35
C GLU A 24 8.26 -3.77 7.44
N LEU A 25 6.98 -3.74 7.08
CA LEU A 25 6.17 -4.95 6.98
C LEU A 25 6.73 -5.92 5.95
N ILE A 26 7.53 -5.42 5.04
CA ILE A 26 8.21 -6.27 4.06
C ILE A 26 9.30 -7.10 4.71
N SER A 27 9.96 -6.53 5.70
CA SER A 27 10.91 -7.28 6.51
C SER A 27 10.21 -8.35 7.32
N ARG A 28 8.98 -8.07 7.70
CA ARG A 28 8.11 -9.05 8.35
C ARG A 28 7.67 -10.12 7.38
N ILE A 29 7.54 -9.77 6.11
CA ILE A 29 6.95 -10.67 5.12
C ILE A 29 7.91 -11.79 4.78
N LYS A 30 9.20 -11.48 4.79
CA LYS A 30 10.24 -12.47 4.62
C LYS A 30 10.31 -13.43 5.79
N GLN A 31 10.17 -12.88 6.99
CA GLN A 31 10.36 -13.65 8.22
C GLN A 31 9.06 -14.21 8.74
N SER A 32 8.20 -14.64 7.85
CA SER A 32 6.91 -15.21 8.21
C SER A 32 6.30 -15.98 7.03
N GLU A 33 5.57 -15.23 6.24
CA GLU A 33 5.10 -15.71 4.96
C GLU A 33 4.05 -16.80 5.06
N LEU A 34 3.35 -16.81 6.19
CA LEU A 34 2.20 -17.69 6.37
C LEU A 34 0.93 -16.99 5.99
N SER A 35 0.87 -15.70 6.27
CA SER A 35 -0.24 -14.85 5.82
C SER A 35 -1.54 -15.15 6.53
N ALA A 36 -1.50 -15.93 7.59
CA ALA A 36 -2.65 -16.18 8.47
C ALA A 36 -3.51 -17.31 7.97
N LYS A 37 -3.55 -17.53 6.67
CA LYS A 37 -4.40 -18.55 6.06
C LYS A 37 -3.59 -19.69 5.52
N MET A 38 -2.35 -19.40 5.13
CA MET A 38 -1.40 -20.44 4.75
C MET A 38 -0.79 -21.10 5.96
N THR A 1 -14.68 3.73 -13.90
CA THR A 1 -13.84 4.61 -13.10
C THR A 1 -14.19 6.06 -13.34
N PRO A 2 -13.88 6.90 -12.39
CA PRO A 2 -14.02 8.42 -12.43
C PRO A 2 -13.31 9.10 -13.58
N ASP A 3 -13.01 10.37 -13.42
CA ASP A 3 -12.19 11.11 -14.38
C ASP A 3 -10.99 10.30 -14.81
N VAL A 4 -10.39 9.59 -13.86
CA VAL A 4 -9.27 8.70 -14.13
C VAL A 4 -8.19 9.40 -14.94
N SER A 5 -8.09 10.71 -14.75
CA SER A 5 -7.18 11.54 -15.53
C SER A 5 -6.51 12.57 -14.65
N SER A 6 -7.30 13.22 -13.82
CA SER A 6 -6.78 14.13 -12.80
C SER A 6 -7.28 13.75 -11.43
N ALA A 7 -7.52 12.47 -11.22
CA ALA A 7 -8.09 11.99 -9.96
C ALA A 7 -7.00 11.62 -8.97
N LEU A 8 -5.86 11.23 -9.49
CA LEU A 8 -4.65 11.01 -8.71
C LEU A 8 -4.30 12.23 -7.89
N ASP A 9 -4.46 13.39 -8.49
CA ASP A 9 -4.08 14.65 -7.86
C ASP A 9 -4.71 14.80 -6.49
N LYS A 10 -5.96 14.39 -6.38
CA LYS A 10 -6.71 14.56 -5.13
C LYS A 10 -6.12 13.73 -4.03
N LEU A 11 -5.64 12.55 -4.38
CA LEU A 11 -5.07 11.63 -3.39
C LEU A 11 -3.55 11.64 -3.40
N LYS A 12 -2.96 12.73 -3.86
CA LYS A 12 -1.51 12.93 -3.76
C LYS A 12 -0.99 12.53 -2.40
N GLU A 13 -1.23 13.35 -1.39
CA GLU A 13 -0.95 13.03 0.01
C GLU A 13 -1.21 11.58 0.35
N PHE A 14 -2.47 11.18 0.43
CA PHE A 14 -2.87 9.86 0.90
C PHE A 14 -2.04 8.71 0.40
N GLY A 15 -1.39 8.81 -0.74
CA GLY A 15 -0.66 7.69 -1.34
C GLY A 15 0.77 7.68 -0.85
N ASN A 16 1.34 8.86 -0.72
CA ASN A 16 2.66 9.03 -0.12
C ASN A 16 2.72 8.35 1.23
N THR A 17 1.67 8.49 2.00
CA THR A 17 1.61 7.94 3.36
C THR A 17 1.53 6.43 3.32
N LEU A 18 0.82 5.92 2.34
CA LEU A 18 0.72 4.47 2.13
C LEU A 18 2.03 3.87 1.68
N GLU A 19 2.94 4.67 1.19
CA GLU A 19 4.26 4.20 0.77
C GLU A 19 5.32 4.50 1.80
N ASP A 20 4.94 4.53 3.07
CA ASP A 20 5.89 4.65 4.16
C ASP A 20 5.54 3.70 5.29
N LYS A 21 4.26 3.64 5.61
CA LYS A 21 3.75 2.66 6.56
C LYS A 21 3.69 1.28 5.94
N ALA A 22 3.58 1.23 4.63
CA ALA A 22 3.69 -0.04 3.90
C ALA A 22 5.11 -0.35 3.49
N ARG A 23 6.07 0.19 4.21
CA ARG A 23 7.48 -0.17 4.03
C ARG A 23 7.99 -0.90 5.25
N GLU A 24 7.47 -0.54 6.41
CA GLU A 24 7.85 -1.17 7.67
C GLU A 24 6.93 -2.34 7.98
N LEU A 25 5.66 -2.17 7.70
CA LEU A 25 4.68 -3.25 7.88
C LEU A 25 5.02 -4.46 7.02
N ILE A 26 5.67 -4.21 5.91
CA ILE A 26 6.07 -5.29 5.00
C ILE A 26 7.15 -6.17 5.61
N SER A 27 7.96 -5.58 6.47
CA SER A 27 8.93 -6.34 7.24
C SER A 27 8.24 -7.25 8.24
N ARG A 28 7.11 -6.80 8.74
CA ARG A 28 6.25 -7.63 9.60
C ARG A 28 5.55 -8.70 8.80
N ILE A 29 5.30 -8.46 7.54
CA ILE A 29 4.50 -9.36 6.71
C ILE A 29 5.30 -10.59 6.32
N LYS A 30 6.59 -10.41 6.15
CA LYS A 30 7.49 -11.52 5.80
C LYS A 30 7.51 -12.56 6.89
N GLN A 31 7.47 -12.11 8.13
CA GLN A 31 7.53 -12.99 9.30
C GLN A 31 6.14 -13.38 9.76
N SER A 32 5.30 -13.80 8.83
CA SER A 32 3.99 -14.35 9.16
C SER A 32 3.30 -14.89 7.92
N GLU A 33 3.99 -15.76 7.21
CA GLU A 33 3.53 -16.26 5.92
C GLU A 33 3.46 -17.78 5.90
N LEU A 34 3.26 -18.37 7.05
CA LEU A 34 3.32 -19.82 7.20
C LEU A 34 2.39 -20.51 6.22
N SER A 35 1.23 -19.92 6.02
CA SER A 35 0.18 -20.55 5.22
C SER A 35 -0.03 -21.99 5.63
N ALA A 36 0.11 -22.27 6.92
CA ALA A 36 -0.16 -23.59 7.46
C ALA A 36 0.80 -24.61 6.92
N LYS A 37 2.09 -24.32 7.03
CA LYS A 37 3.13 -25.24 6.59
C LYS A 37 2.98 -25.58 5.13
N MET A 38 2.56 -24.59 4.34
CA MET A 38 2.40 -24.76 2.90
C MET A 38 3.71 -24.54 2.19
N THR A 1 -15.36 14.39 -18.88
CA THR A 1 -14.90 14.32 -17.49
C THR A 1 -14.49 15.67 -16.98
N PRO A 2 -14.36 15.79 -15.67
CA PRO A 2 -13.93 17.03 -14.90
C PRO A 2 -12.62 17.62 -15.35
N ASP A 3 -12.11 18.55 -14.56
CA ASP A 3 -10.78 19.11 -14.79
C ASP A 3 -9.71 18.04 -14.67
N VAL A 4 -9.24 17.56 -15.80
CA VAL A 4 -8.24 16.50 -15.84
C VAL A 4 -6.83 17.04 -15.94
N SER A 5 -6.62 18.24 -15.45
CA SER A 5 -5.29 18.85 -15.44
C SER A 5 -4.67 18.77 -14.08
N SER A 6 -5.50 18.85 -13.06
CA SER A 6 -5.07 18.64 -11.68
C SER A 6 -5.95 17.63 -10.99
N ALA A 7 -6.31 16.58 -11.70
CA ALA A 7 -7.12 15.50 -11.14
C ALA A 7 -6.28 14.45 -10.46
N LEU A 8 -5.03 14.34 -10.89
CA LEU A 8 -4.06 13.48 -10.23
C LEU A 8 -3.58 14.11 -8.95
N ASP A 9 -3.57 15.42 -8.91
CA ASP A 9 -3.29 16.17 -7.69
C ASP A 9 -4.14 15.69 -6.54
N LYS A 10 -5.38 15.34 -6.85
CA LYS A 10 -6.33 14.87 -5.84
C LYS A 10 -5.90 13.55 -5.26
N LEU A 11 -5.40 12.68 -6.11
CA LEU A 11 -5.10 11.30 -5.73
C LEU A 11 -3.82 11.16 -4.95
N LYS A 12 -2.94 12.15 -5.04
CA LYS A 12 -1.76 12.18 -4.16
C LYS A 12 -2.22 11.99 -2.73
N GLU A 13 -1.40 11.45 -1.85
CA GLU A 13 -1.84 11.00 -0.54
C GLU A 13 -2.65 9.73 -0.64
N PHE A 14 -3.90 9.84 -1.05
CA PHE A 14 -4.79 8.68 -1.23
C PHE A 14 -4.20 7.49 -1.97
N GLY A 15 -3.06 7.61 -2.62
CA GLY A 15 -2.38 6.46 -3.21
C GLY A 15 -1.33 5.92 -2.28
N ASN A 16 -0.55 6.82 -1.70
CA ASN A 16 0.52 6.44 -0.77
C ASN A 16 0.01 5.52 0.32
N THR A 17 -1.24 5.69 0.71
CA THR A 17 -1.80 4.96 1.85
C THR A 17 -1.80 3.48 1.60
N LEU A 18 -2.10 3.08 0.38
CA LEU A 18 -2.09 1.67 -0.01
C LEU A 18 -0.69 1.10 0.03
N GLU A 19 0.30 1.94 -0.22
CA GLU A 19 1.70 1.52 -0.22
C GLU A 19 2.36 1.78 1.10
N ASP A 20 1.60 1.74 2.18
CA ASP A 20 2.15 1.90 3.52
C ASP A 20 1.59 0.87 4.49
N LYS A 21 0.31 0.57 4.35
CA LYS A 21 -0.32 -0.49 5.14
C LYS A 21 -0.05 -1.86 4.54
N ALA A 22 0.19 -1.90 3.24
CA ALA A 22 0.62 -3.12 2.57
C ALA A 22 2.11 -3.32 2.69
N ARG A 23 2.83 -2.22 2.70
CA ARG A 23 4.28 -2.23 2.89
C ARG A 23 4.65 -2.63 4.30
N GLU A 24 3.77 -2.33 5.26
CA GLU A 24 4.01 -2.65 6.65
C GLU A 24 3.63 -4.08 6.98
N LEU A 25 2.47 -4.50 6.52
CA LEU A 25 2.04 -5.89 6.63
C LEU A 25 2.97 -6.83 5.91
N ILE A 26 3.74 -6.31 4.97
CA ILE A 26 4.80 -7.07 4.31
C ILE A 26 5.94 -7.35 5.26
N SER A 27 6.22 -6.41 6.13
CA SER A 27 7.16 -6.61 7.23
C SER A 27 6.67 -7.68 8.17
N ARG A 28 5.36 -7.81 8.27
CA ARG A 28 4.73 -8.90 9.01
C ARG A 28 4.76 -10.20 8.24
N ILE A 29 4.80 -10.13 6.93
CA ILE A 29 4.77 -11.31 6.08
C ILE A 29 6.04 -12.11 6.26
N LYS A 30 7.13 -11.39 6.48
CA LYS A 30 8.41 -11.99 6.84
C LYS A 30 8.32 -12.66 8.20
N GLN A 31 7.49 -12.10 9.06
CA GLN A 31 7.18 -12.70 10.36
C GLN A 31 6.00 -13.65 10.26
N SER A 32 6.07 -14.58 9.32
CA SER A 32 5.01 -15.58 9.15
C SER A 32 5.41 -16.64 8.16
N GLU A 33 6.65 -17.08 8.22
CA GLU A 33 7.20 -18.00 7.22
C GLU A 33 7.90 -19.19 7.83
N LEU A 34 7.58 -19.48 9.08
CA LEU A 34 8.01 -20.71 9.75
C LEU A 34 7.19 -21.91 9.33
N SER A 35 6.05 -22.06 9.99
CA SER A 35 5.20 -23.26 9.93
C SER A 35 5.74 -24.30 10.90
N ALA A 36 6.34 -23.82 11.97
CA ALA A 36 6.97 -24.67 12.98
C ALA A 36 7.86 -25.71 12.34
N LYS A 37 8.92 -25.24 11.70
CA LYS A 37 9.93 -26.13 11.15
C LYS A 37 9.36 -27.03 10.08
N MET A 38 8.38 -26.52 9.34
CA MET A 38 7.86 -27.22 8.18
C MET A 38 8.66 -26.88 6.95
N THR A 1 -13.67 6.10 -16.72
CA THR A 1 -13.54 7.04 -15.61
C THR A 1 -14.04 8.41 -15.99
N PRO A 2 -14.46 9.19 -15.02
CA PRO A 2 -14.89 10.65 -15.14
C PRO A 2 -13.85 11.56 -15.74
N ASP A 3 -13.95 12.84 -15.45
CA ASP A 3 -12.91 13.81 -15.82
C ASP A 3 -11.56 13.39 -15.27
N VAL A 4 -10.81 12.67 -16.08
CA VAL A 4 -9.55 12.07 -15.63
C VAL A 4 -8.42 13.07 -15.53
N SER A 5 -8.70 14.33 -15.80
CA SER A 5 -7.72 15.40 -15.56
C SER A 5 -7.41 15.51 -14.08
N SER A 6 -8.45 15.49 -13.27
CA SER A 6 -8.31 15.40 -11.83
C SER A 6 -8.55 13.98 -11.36
N ALA A 7 -8.10 13.03 -12.15
CA ALA A 7 -8.11 11.63 -11.75
C ALA A 7 -6.93 11.30 -10.86
N LEU A 8 -7.18 10.52 -9.85
CA LEU A 8 -6.21 10.24 -8.78
C LEU A 8 -5.42 11.45 -8.38
N ASP A 9 -6.06 12.61 -8.51
CA ASP A 9 -5.50 13.88 -8.04
C ASP A 9 -5.80 14.09 -6.58
N LYS A 10 -7.00 13.75 -6.17
CA LYS A 10 -7.41 13.85 -4.77
C LYS A 10 -6.37 13.26 -3.84
N LEU A 11 -5.87 12.09 -4.17
CA LEU A 11 -4.83 11.44 -3.38
C LEU A 11 -3.51 12.17 -3.52
N LYS A 12 -2.66 11.70 -4.40
CA LYS A 12 -1.28 12.17 -4.55
C LYS A 12 -0.71 12.74 -3.27
N GLU A 13 -0.67 11.96 -2.22
CA GLU A 13 -0.33 12.43 -0.87
C GLU A 13 -0.66 11.37 0.16
N PHE A 14 -1.92 11.28 0.52
CA PHE A 14 -2.42 10.17 1.33
C PHE A 14 -2.00 8.80 0.85
N GLY A 15 -1.44 8.64 -0.34
CA GLY A 15 -0.87 7.37 -0.77
C GLY A 15 0.58 7.24 -0.36
N ASN A 16 1.34 8.31 -0.55
CA ASN A 16 2.75 8.35 -0.19
C ASN A 16 2.97 7.85 1.23
N THR A 17 2.08 8.25 2.13
CA THR A 17 2.26 7.96 3.55
C THR A 17 2.05 6.49 3.84
N LEU A 18 1.19 5.86 3.06
CA LEU A 18 0.95 4.41 3.18
C LEU A 18 2.14 3.61 2.71
N GLU A 19 3.02 4.22 1.95
CA GLU A 19 4.29 3.58 1.57
C GLU A 19 5.40 3.94 2.52
N ASP A 20 5.08 4.19 3.77
CA ASP A 20 6.07 4.37 4.81
C ASP A 20 5.78 3.46 6.00
N LYS A 21 4.52 3.33 6.32
CA LYS A 21 4.06 2.38 7.33
C LYS A 21 3.97 0.98 6.76
N ALA A 22 3.73 0.87 5.47
CA ALA A 22 3.73 -0.42 4.79
C ALA A 22 5.10 -1.07 4.82
N ARG A 23 6.15 -0.26 4.93
CA ARG A 23 7.51 -0.77 4.86
C ARG A 23 7.83 -1.64 6.06
N GLU A 24 7.56 -1.14 7.25
CA GLU A 24 7.89 -1.84 8.49
C GLU A 24 6.92 -2.98 8.73
N LEU A 25 5.65 -2.74 8.44
CA LEU A 25 4.63 -3.78 8.48
C LEU A 25 4.95 -4.91 7.52
N ILE A 26 5.70 -4.62 6.48
CA ILE A 26 6.00 -5.59 5.43
C ILE A 26 6.93 -6.67 5.95
N SER A 27 7.76 -6.32 6.90
CA SER A 27 8.60 -7.29 7.60
C SER A 27 7.77 -8.23 8.43
N ARG A 28 6.65 -7.74 8.94
CA ARG A 28 5.69 -8.56 9.66
C ARG A 28 4.89 -9.44 8.74
N ILE A 29 4.70 -9.01 7.50
CA ILE A 29 3.82 -9.69 6.56
C ILE A 29 4.48 -10.91 5.98
N LYS A 30 5.77 -10.81 5.74
CA LYS A 30 6.53 -11.90 5.12
C LYS A 30 6.42 -13.17 5.93
N GLN A 31 6.42 -13.02 7.23
CA GLN A 31 6.49 -14.15 8.15
C GLN A 31 5.13 -14.62 8.59
N SER A 32 4.17 -14.64 7.66
CA SER A 32 2.83 -15.11 7.96
C SER A 32 1.90 -14.97 6.78
N GLU A 33 2.36 -15.39 5.61
CA GLU A 33 1.54 -15.33 4.40
C GLU A 33 1.51 -16.64 3.65
N LEU A 34 1.69 -17.74 4.34
CA LEU A 34 1.51 -19.07 3.76
C LEU A 34 0.61 -19.94 4.58
N SER A 35 0.75 -19.89 5.89
CA SER A 35 0.08 -20.84 6.78
C SER A 35 0.46 -22.26 6.39
N ALA A 36 1.67 -22.38 5.85
CA ALA A 36 2.15 -23.62 5.26
C ALA A 36 2.89 -24.48 6.25
N LYS A 37 2.70 -24.24 7.53
CA LYS A 37 3.48 -24.88 8.58
C LYS A 37 4.95 -24.82 8.25
N MET A 38 5.35 -23.83 7.49
CA MET A 38 6.72 -23.75 6.97
C MET A 38 7.63 -23.08 7.97
N THR A 1 -17.10 11.64 -15.60
CA THR A 1 -16.65 12.02 -14.27
C THR A 1 -16.39 13.50 -14.18
N PRO A 2 -16.27 14.00 -12.96
CA PRO A 2 -15.97 15.46 -12.60
C PRO A 2 -14.71 16.02 -13.25
N ASP A 3 -14.26 17.14 -12.74
CA ASP A 3 -13.00 17.74 -13.17
C ASP A 3 -11.87 16.74 -13.10
N VAL A 4 -11.55 16.15 -14.25
CA VAL A 4 -10.47 15.17 -14.34
C VAL A 4 -9.10 15.80 -14.16
N SER A 5 -8.99 17.09 -14.40
CA SER A 5 -7.71 17.79 -14.32
C SER A 5 -7.11 17.65 -12.95
N SER A 6 -7.92 17.89 -11.93
CA SER A 6 -7.48 17.80 -10.54
C SER A 6 -8.15 16.63 -9.84
N ALA A 7 -8.37 15.55 -10.55
CA ALA A 7 -8.87 14.31 -9.96
C ALA A 7 -7.74 13.37 -9.60
N LEU A 8 -6.60 13.54 -10.24
CA LEU A 8 -5.39 12.79 -9.89
C LEU A 8 -4.69 13.35 -8.68
N ASP A 9 -4.94 14.62 -8.39
CA ASP A 9 -4.46 15.25 -7.17
C ASP A 9 -4.79 14.40 -5.96
N LYS A 10 -5.94 13.76 -5.98
CA LYS A 10 -6.43 13.00 -4.83
C LYS A 10 -5.59 11.77 -4.61
N LEU A 11 -5.12 11.18 -5.69
CA LEU A 11 -4.32 9.95 -5.63
C LEU A 11 -2.85 10.22 -5.37
N LYS A 12 -2.49 11.46 -5.11
CA LYS A 12 -1.13 11.80 -4.68
C LYS A 12 -1.02 11.73 -3.17
N GLU A 13 -1.30 10.58 -2.60
CA GLU A 13 -1.39 10.42 -1.14
C GLU A 13 -1.91 9.03 -0.81
N PHE A 14 -3.20 8.85 -0.85
CA PHE A 14 -3.82 7.53 -0.78
C PHE A 14 -3.15 6.48 -1.65
N GLY A 15 -2.28 6.82 -2.57
CA GLY A 15 -1.49 5.84 -3.32
C GLY A 15 -0.19 5.53 -2.64
N ASN A 16 0.50 6.57 -2.18
CA ASN A 16 1.74 6.43 -1.43
C ASN A 16 1.59 5.45 -0.29
N THR A 17 0.41 5.39 0.30
CA THR A 17 0.19 4.61 1.51
C THR A 17 0.50 3.15 1.29
N LEU A 18 0.21 2.65 0.11
CA LEU A 18 0.50 1.26 -0.25
C LEU A 18 1.99 1.00 -0.26
N GLU A 19 2.75 1.95 -0.80
CA GLU A 19 4.18 1.76 -1.02
C GLU A 19 5.01 2.36 0.09
N ASP A 20 4.49 2.34 1.30
CA ASP A 20 5.26 2.73 2.48
C ASP A 20 4.83 1.94 3.69
N LYS A 21 3.54 1.92 3.94
CA LYS A 21 2.95 1.06 4.98
C LYS A 21 3.31 -0.38 4.75
N ALA A 22 3.39 -0.78 3.50
CA ALA A 22 3.58 -2.19 3.15
C ALA A 22 4.99 -2.64 3.44
N ARG A 23 5.93 -1.73 3.32
CA ARG A 23 7.33 -2.02 3.60
C ARG A 23 7.52 -2.43 5.05
N GLU A 24 6.79 -1.78 5.94
CA GLU A 24 6.98 -1.96 7.38
C GLU A 24 6.36 -3.27 7.84
N LEU A 25 5.19 -3.56 7.32
CA LEU A 25 4.51 -4.83 7.59
C LEU A 25 5.27 -6.00 7.01
N ILE A 26 6.07 -5.77 5.99
CA ILE A 26 6.80 -6.84 5.31
C ILE A 26 7.84 -7.43 6.21
N SER A 27 8.32 -6.65 7.16
CA SER A 27 9.21 -7.16 8.21
C SER A 27 8.44 -8.06 9.15
N ARG A 28 7.24 -7.63 9.51
CA ARG A 28 6.30 -8.45 10.26
C ARG A 28 6.05 -9.77 9.58
N ILE A 29 6.10 -9.79 8.27
CA ILE A 29 5.71 -10.96 7.49
C ILE A 29 6.83 -11.97 7.42
N LYS A 30 8.06 -11.47 7.40
CA LYS A 30 9.23 -12.33 7.35
C LYS A 30 9.25 -13.28 8.53
N GLN A 31 8.89 -12.79 9.69
CA GLN A 31 9.00 -13.53 10.94
C GLN A 31 7.72 -14.27 11.27
N SER A 32 7.06 -14.79 10.26
CA SER A 32 5.74 -15.41 10.44
C SER A 32 5.30 -16.18 9.23
N GLU A 33 6.24 -16.70 8.47
CA GLU A 33 5.93 -17.43 7.24
C GLU A 33 6.70 -18.72 7.07
N LEU A 34 7.22 -19.25 8.16
CA LEU A 34 7.98 -20.51 8.11
C LEU A 34 7.12 -21.74 7.92
N SER A 35 6.01 -21.78 8.63
CA SER A 35 4.98 -22.81 8.46
C SER A 35 3.65 -22.26 8.97
N ALA A 36 3.56 -20.94 8.89
CA ALA A 36 2.51 -20.19 9.55
C ALA A 36 1.14 -20.68 9.13
N LYS A 37 0.79 -20.40 7.90
CA LYS A 37 -0.42 -20.93 7.27
C LYS A 37 -0.18 -21.24 5.81
N MET A 38 1.06 -21.54 5.48
CA MET A 38 1.48 -21.70 4.09
C MET A 38 1.14 -23.07 3.58
N THR A 1 -14.42 8.14 -19.34
CA THR A 1 -14.50 8.49 -17.92
C THR A 1 -14.30 9.97 -17.70
N PRO A 2 -14.62 10.43 -16.51
CA PRO A 2 -14.47 11.87 -16.02
C PRO A 2 -13.09 12.45 -16.20
N ASP A 3 -12.87 13.60 -15.57
CA ASP A 3 -11.55 14.21 -15.54
C ASP A 3 -10.54 13.30 -14.88
N VAL A 4 -9.82 12.54 -15.68
CA VAL A 4 -8.93 11.51 -15.19
C VAL A 4 -7.50 12.00 -15.08
N SER A 5 -7.15 12.98 -15.89
CA SER A 5 -5.82 13.59 -15.84
C SER A 5 -5.58 14.21 -14.48
N SER A 6 -6.58 14.88 -13.96
CA SER A 6 -6.50 15.49 -12.62
C SER A 6 -7.47 14.83 -11.67
N ALA A 7 -7.64 13.52 -11.81
CA ALA A 7 -8.41 12.73 -10.85
C ALA A 7 -7.54 12.10 -9.79
N LEU A 8 -6.27 11.90 -10.13
CA LEU A 8 -5.28 11.44 -9.16
C LEU A 8 -5.12 12.44 -8.04
N ASP A 9 -5.24 13.71 -8.37
CA ASP A 9 -5.02 14.79 -7.42
C ASP A 9 -5.86 14.60 -6.17
N LYS A 10 -7.08 14.12 -6.38
CA LYS A 10 -8.06 14.02 -5.29
C LYS A 10 -7.49 13.25 -4.12
N LEU A 11 -6.71 12.23 -4.43
CA LEU A 11 -5.96 11.51 -3.41
C LEU A 11 -4.64 12.18 -3.13
N LYS A 12 -3.61 11.79 -3.86
CA LYS A 12 -2.25 12.26 -3.60
C LYS A 12 -1.80 11.90 -2.20
N GLU A 13 -2.11 12.74 -1.23
CA GLU A 13 -1.89 12.44 0.18
C GLU A 13 -2.23 11.02 0.55
N PHE A 14 -3.51 10.70 0.63
CA PHE A 14 -4.00 9.40 1.05
C PHE A 14 -3.23 8.21 0.51
N GLY A 15 -2.56 8.33 -0.62
CA GLY A 15 -1.83 7.21 -1.22
C GLY A 15 -0.46 7.08 -0.63
N ASN A 16 0.20 8.21 -0.46
CA ASN A 16 1.51 8.27 0.22
C ASN A 16 1.47 7.54 1.54
N THR A 17 0.33 7.59 2.20
CA THR A 17 0.17 6.95 3.51
C THR A 17 0.32 5.45 3.40
N LEU A 18 -0.24 4.89 2.34
CA LEU A 18 -0.06 3.46 2.05
C LEU A 18 1.40 3.11 1.88
N GLU A 19 2.17 4.03 1.33
CA GLU A 19 3.56 3.76 0.96
C GLU A 19 4.52 4.21 2.04
N ASP A 20 4.09 4.17 3.28
CA ASP A 20 4.98 4.41 4.42
C ASP A 20 4.68 3.46 5.55
N LYS A 21 3.41 3.31 5.87
CA LYS A 21 2.96 2.34 6.87
C LYS A 21 3.16 0.92 6.39
N ALA A 22 3.04 0.72 5.10
CA ALA A 22 3.11 -0.63 4.52
C ALA A 22 4.53 -1.16 4.54
N ARG A 23 5.50 -0.28 4.51
CA ARG A 23 6.91 -0.66 4.55
C ARG A 23 7.22 -1.41 5.83
N GLU A 24 6.76 -0.88 6.95
CA GLU A 24 7.10 -1.43 8.26
C GLU A 24 6.42 -2.74 8.49
N LEU A 25 5.16 -2.83 8.07
CA LEU A 25 4.41 -4.08 8.10
C LEU A 25 5.05 -5.13 7.21
N ILE A 26 5.75 -4.70 6.18
CA ILE A 26 6.28 -5.61 5.17
C ILE A 26 7.42 -6.44 5.72
N SER A 27 8.11 -5.90 6.72
CA SER A 27 9.13 -6.65 7.45
C SER A 27 8.50 -7.70 8.33
N ARG A 28 7.33 -7.39 8.88
CA ARG A 28 6.54 -8.37 9.61
C ARG A 28 5.99 -9.44 8.70
N ILE A 29 5.81 -9.14 7.44
CA ILE A 29 5.18 -10.04 6.49
C ILE A 29 6.17 -11.03 5.93
N LYS A 30 7.42 -10.63 5.81
CA LYS A 30 8.47 -11.48 5.25
C LYS A 30 8.67 -12.70 6.12
N GLN A 31 8.55 -12.53 7.42
CA GLN A 31 8.89 -13.57 8.38
C GLN A 31 7.69 -14.40 8.78
N SER A 32 6.78 -14.63 7.85
CA SER A 32 5.54 -15.34 8.14
C SER A 32 4.87 -15.87 6.90
N GLU A 33 5.64 -16.11 5.86
CA GLU A 33 5.09 -16.47 4.55
C GLU A 33 5.78 -17.70 3.98
N LEU A 34 6.25 -18.58 4.83
CA LEU A 34 6.84 -19.84 4.39
C LEU A 34 5.84 -20.70 3.67
N SER A 35 4.58 -20.62 4.07
CA SER A 35 3.55 -21.51 3.56
C SER A 35 3.93 -22.96 3.75
N ALA A 36 4.71 -23.25 4.78
CA ALA A 36 5.09 -24.61 5.11
C ALA A 36 3.87 -25.48 5.30
N LYS A 37 3.09 -25.17 6.31
CA LYS A 37 1.89 -25.95 6.64
C LYS A 37 0.64 -25.15 6.38
N MET A 38 0.69 -23.86 6.70
CA MET A 38 -0.48 -23.00 6.64
C MET A 38 -0.86 -22.71 5.21
N THR A 1 -14.90 12.48 -18.55
CA THR A 1 -14.95 12.90 -17.16
C THR A 1 -14.60 14.37 -17.02
N PRO A 2 -14.84 14.92 -15.84
CA PRO A 2 -14.52 16.34 -15.42
C PRO A 2 -13.08 16.76 -15.65
N ASP A 3 -12.71 17.90 -15.07
CA ASP A 3 -11.33 18.36 -15.09
C ASP A 3 -10.38 17.26 -14.66
N VAL A 4 -9.74 16.63 -15.62
CA VAL A 4 -8.77 15.58 -15.34
C VAL A 4 -7.35 16.10 -15.47
N SER A 5 -7.15 17.35 -15.10
CA SER A 5 -5.81 17.94 -15.05
C SER A 5 -5.35 18.11 -13.62
N SER A 6 -6.30 18.33 -12.73
CA SER A 6 -6.01 18.36 -11.30
C SER A 6 -7.04 17.55 -10.53
N ALA A 7 -7.39 16.40 -11.07
CA ALA A 7 -8.28 15.46 -10.38
C ALA A 7 -7.52 14.35 -9.69
N LEU A 8 -6.28 14.14 -10.11
CA LEU A 8 -5.40 13.19 -9.45
C LEU A 8 -4.98 13.72 -8.09
N ASP A 9 -4.83 15.03 -7.99
CA ASP A 9 -4.55 15.67 -6.72
C ASP A 9 -5.50 15.21 -5.65
N LYS A 10 -6.75 15.02 -6.04
CA LYS A 10 -7.82 14.72 -5.09
C LYS A 10 -7.48 13.49 -4.26
N LEU A 11 -6.83 12.52 -4.89
CA LEU A 11 -6.33 11.35 -4.18
C LEU A 11 -5.02 11.68 -3.48
N LYS A 12 -3.95 11.71 -4.23
CA LYS A 12 -2.59 11.85 -3.70
C LYS A 12 -2.36 10.95 -2.51
N GLU A 13 -2.62 11.43 -1.30
CA GLU A 13 -2.60 10.63 -0.09
C GLU A 13 -3.14 9.23 -0.29
N PHE A 14 -4.46 9.10 -0.42
CA PHE A 14 -5.14 7.81 -0.47
C PHE A 14 -4.47 6.76 -1.34
N GLY A 15 -3.67 7.12 -2.32
CA GLY A 15 -3.02 6.15 -3.21
C GLY A 15 -1.71 5.70 -2.62
N ASN A 16 -0.99 6.63 -2.03
CA ASN A 16 0.22 6.34 -1.26
C ASN A 16 -0.05 5.31 -0.18
N THR A 17 -1.27 5.29 0.33
CA THR A 17 -1.62 4.43 1.46
C THR A 17 -1.31 2.98 1.17
N LEU A 18 -1.33 2.60 -0.09
CA LEU A 18 -0.95 1.25 -0.51
C LEU A 18 0.54 1.06 -0.47
N GLU A 19 1.28 2.04 -0.95
CA GLU A 19 2.73 1.97 -1.00
C GLU A 19 3.38 2.60 0.21
N ASP A 20 2.71 2.53 1.34
CA ASP A 20 3.29 2.93 2.62
C ASP A 20 2.92 1.95 3.71
N LYS A 21 1.66 1.55 3.73
CA LYS A 21 1.16 0.56 4.67
C LYS A 21 1.64 -0.83 4.32
N ALA A 22 1.80 -1.09 3.04
CA ALA A 22 2.33 -2.37 2.58
C ALA A 22 3.80 -2.49 2.90
N ARG A 23 4.48 -1.37 2.96
CA ARG A 23 5.87 -1.30 3.41
C ARG A 23 6.07 -2.03 4.72
N GLU A 24 5.40 -1.55 5.76
CA GLU A 24 5.62 -2.05 7.11
C GLU A 24 5.14 -3.47 7.26
N LEU A 25 3.97 -3.76 6.71
CA LEU A 25 3.42 -5.11 6.73
C LEU A 25 4.35 -6.10 6.05
N ILE A 26 5.18 -5.62 5.15
CA ILE A 26 6.08 -6.49 4.38
C ILE A 26 7.23 -6.99 5.24
N SER A 27 7.64 -6.18 6.19
CA SER A 27 8.65 -6.59 7.17
C SER A 27 8.10 -7.66 8.10
N ARG A 28 6.85 -7.50 8.48
CA ARG A 28 6.14 -8.52 9.25
C ARG A 28 5.96 -9.80 8.46
N ILE A 29 5.85 -9.69 7.16
CA ILE A 29 5.51 -10.82 6.30
C ILE A 29 6.70 -11.73 6.11
N LYS A 30 7.89 -11.14 6.09
CA LYS A 30 9.13 -11.90 5.95
C LYS A 30 9.28 -12.89 7.09
N GLN A 31 8.80 -12.51 8.26
CA GLN A 31 9.01 -13.30 9.48
C GLN A 31 7.84 -14.24 9.73
N SER A 32 7.36 -14.90 8.68
CA SER A 32 6.27 -15.86 8.82
C SER A 32 5.96 -16.52 7.50
N GLU A 33 7.00 -17.01 6.83
CA GLU A 33 6.86 -17.56 5.48
C GLU A 33 7.43 -18.95 5.37
N LEU A 34 7.38 -19.71 6.45
CA LEU A 34 7.77 -21.11 6.42
C LEU A 34 6.65 -21.99 5.94
N SER A 35 5.43 -21.65 6.35
CA SER A 35 4.27 -22.50 6.11
C SER A 35 4.49 -23.88 6.70
N ALA A 36 5.36 -23.96 7.70
CA ALA A 36 5.78 -25.24 8.25
C ALA A 36 4.85 -25.68 9.36
N LYS A 37 4.93 -24.99 10.49
CA LYS A 37 4.12 -25.32 11.66
C LYS A 37 4.28 -24.28 12.74
N MET A 38 4.42 -23.04 12.33
CA MET A 38 4.67 -21.94 13.26
C MET A 38 3.37 -21.27 13.65
N THR A 1 -8.16 2.86 -17.10
CA THR A 1 -9.12 3.35 -16.10
C THR A 1 -9.73 4.66 -16.54
N PRO A 2 -10.76 5.07 -15.83
CA PRO A 2 -11.51 6.40 -16.00
C PRO A 2 -10.62 7.63 -15.94
N ASP A 3 -11.25 8.78 -15.75
CA ASP A 3 -10.51 10.03 -15.59
C ASP A 3 -9.59 9.95 -14.39
N VAL A 4 -8.34 9.60 -14.63
CA VAL A 4 -7.36 9.42 -13.57
C VAL A 4 -6.30 10.50 -13.61
N SER A 5 -6.68 11.67 -14.08
CA SER A 5 -5.75 12.80 -14.18
C SER A 5 -6.03 13.83 -13.11
N SER A 6 -7.28 14.24 -12.99
CA SER A 6 -7.72 15.09 -11.90
C SER A 6 -8.54 14.33 -10.89
N ALA A 7 -8.22 13.07 -10.70
CA ALA A 7 -8.83 12.26 -9.63
C ALA A 7 -7.81 11.80 -8.62
N LEU A 8 -6.57 11.71 -9.02
CA LEU A 8 -5.46 11.43 -8.12
C LEU A 8 -5.19 12.61 -7.21
N ASP A 9 -5.47 13.81 -7.70
CA ASP A 9 -5.33 15.03 -6.92
C ASP A 9 -6.03 14.91 -5.58
N LYS A 10 -7.26 14.43 -5.61
CA LYS A 10 -8.11 14.40 -4.42
C LYS A 10 -7.42 13.69 -3.29
N LEU A 11 -6.57 12.74 -3.62
CA LEU A 11 -5.72 12.08 -2.65
C LEU A 11 -4.40 12.81 -2.48
N LYS A 12 -3.44 12.46 -3.32
CA LYS A 12 -2.08 12.97 -3.20
C LYS A 12 -1.47 12.59 -1.86
N GLU A 13 -1.70 13.40 -0.85
CA GLU A 13 -1.32 13.05 0.52
C GLU A 13 -1.65 11.61 0.87
N PHE A 14 -2.90 11.33 1.12
CA PHE A 14 -3.36 10.01 1.56
C PHE A 14 -2.75 8.83 0.85
N GLY A 15 -2.22 8.98 -0.35
CA GLY A 15 -1.58 7.89 -1.08
C GLY A 15 -0.16 7.69 -0.60
N ASN A 16 0.57 8.78 -0.51
CA ASN A 16 1.92 8.77 0.06
C ASN A 16 1.97 8.01 1.37
N THR A 17 0.97 8.25 2.21
CA THR A 17 0.97 7.71 3.56
C THR A 17 1.13 6.21 3.57
N LEU A 18 0.46 5.56 2.63
CA LEU A 18 0.40 4.09 2.61
C LEU A 18 1.66 3.49 2.04
N GLU A 19 2.42 4.26 1.30
CA GLU A 19 3.74 3.84 0.82
C GLU A 19 4.84 4.22 1.78
N ASP A 20 4.52 4.48 3.03
CA ASP A 20 5.51 4.69 4.07
C ASP A 20 5.31 3.72 5.22
N LYS A 21 4.07 3.50 5.60
CA LYS A 21 3.73 2.66 6.73
C LYS A 21 3.62 1.20 6.33
N ALA A 22 3.20 0.98 5.10
CA ALA A 22 3.16 -0.37 4.53
C ALA A 22 4.54 -0.97 4.35
N ARG A 23 5.58 -0.18 4.50
CA ARG A 23 6.96 -0.65 4.30
C ARG A 23 7.42 -1.50 5.47
N GLU A 24 6.98 -1.15 6.67
CA GLU A 24 7.34 -1.90 7.87
C GLU A 24 6.40 -3.07 8.08
N LEU A 25 5.12 -2.83 7.83
CA LEU A 25 4.11 -3.89 7.84
C LEU A 25 4.38 -4.93 6.79
N ILE A 26 5.10 -4.57 5.74
CA ILE A 26 5.43 -5.49 4.66
C ILE A 26 6.28 -6.63 5.14
N SER A 27 7.15 -6.35 6.09
CA SER A 27 7.96 -7.39 6.74
C SER A 27 7.08 -8.35 7.50
N ARG A 28 6.00 -7.84 8.05
CA ARG A 28 5.00 -8.65 8.72
C ARG A 28 4.13 -9.43 7.77
N ILE A 29 4.01 -8.95 6.53
CA ILE A 29 3.07 -9.51 5.57
C ILE A 29 3.63 -10.74 4.90
N LYS A 30 4.93 -10.76 4.71
CA LYS A 30 5.62 -11.89 4.08
C LYS A 30 5.46 -13.15 4.90
N GLN A 31 5.43 -12.99 6.21
CA GLN A 31 5.44 -14.14 7.13
C GLN A 31 4.06 -14.56 7.52
N SER A 32 3.10 -14.43 6.62
CA SER A 32 1.76 -14.96 6.82
C SER A 32 0.93 -14.89 5.57
N GLU A 33 1.57 -15.05 4.43
CA GLU A 33 0.86 -15.14 3.15
C GLU A 33 1.36 -16.29 2.29
N LEU A 34 1.90 -17.32 2.91
CA LEU A 34 2.41 -18.48 2.19
C LEU A 34 1.71 -19.76 2.59
N SER A 35 1.19 -19.82 3.80
CA SER A 35 0.66 -21.08 4.35
C SER A 35 1.69 -22.18 4.16
N ALA A 36 2.94 -21.79 4.12
CA ALA A 36 4.05 -22.69 3.79
C ALA A 36 4.58 -23.37 5.02
N LYS A 37 5.25 -22.61 5.87
CA LYS A 37 5.85 -23.14 7.09
C LYS A 37 5.29 -22.43 8.30
N MET A 38 4.03 -22.06 8.23
CA MET A 38 3.36 -21.34 9.31
C MET A 38 3.44 -22.13 10.60
N THR A 1 -12.21 11.82 -20.56
CA THR A 1 -11.96 10.65 -19.72
C THR A 1 -12.82 10.68 -18.48
N PRO A 2 -12.87 9.57 -17.78
CA PRO A 2 -13.56 9.36 -16.43
C PRO A 2 -13.08 10.29 -15.34
N ASP A 3 -13.04 9.82 -14.11
CA ASP A 3 -12.41 10.57 -13.02
C ASP A 3 -10.93 10.24 -12.92
N VAL A 4 -10.25 10.28 -14.06
CA VAL A 4 -8.86 9.85 -14.15
C VAL A 4 -7.92 11.01 -14.43
N SER A 5 -8.46 12.11 -14.89
CA SER A 5 -7.69 13.35 -15.01
C SER A 5 -7.19 13.80 -13.65
N SER A 6 -8.09 13.79 -12.68
CA SER A 6 -7.74 14.02 -11.28
C SER A 6 -7.64 12.69 -10.55
N ALA A 7 -7.04 11.71 -11.21
CA ALA A 7 -6.71 10.44 -10.58
C ALA A 7 -5.53 10.60 -9.66
N LEU A 8 -5.64 9.98 -8.50
CA LEU A 8 -4.68 10.18 -7.40
C LEU A 8 -4.35 11.64 -7.13
N ASP A 9 -5.29 12.50 -7.52
CA ASP A 9 -5.19 13.93 -7.22
C ASP A 9 -5.82 14.25 -5.89
N LYS A 10 -7.01 13.71 -5.67
CA LYS A 10 -7.68 13.81 -4.38
C LYS A 10 -6.94 13.01 -3.34
N LEU A 11 -6.40 11.88 -3.72
CA LEU A 11 -5.70 10.99 -2.80
C LEU A 11 -4.20 11.18 -2.91
N LYS A 12 -3.79 12.43 -3.03
CA LYS A 12 -2.37 12.79 -2.96
C LYS A 12 -1.98 13.09 -1.52
N GLU A 13 -2.21 12.13 -0.65
CA GLU A 13 -2.05 12.33 0.79
C GLU A 13 -2.35 11.05 1.54
N PHE A 14 -3.61 10.80 1.83
CA PHE A 14 -4.06 9.49 2.32
C PHE A 14 -3.37 8.32 1.66
N GLY A 15 -2.82 8.46 0.47
CA GLY A 15 -2.11 7.37 -0.20
C GLY A 15 -0.68 7.30 0.25
N ASN A 16 -0.03 8.45 0.32
CA ASN A 16 1.34 8.55 0.84
C ASN A 16 1.49 7.81 2.15
N THR A 17 0.47 7.90 2.98
CA THR A 17 0.52 7.36 4.33
C THR A 17 0.50 5.84 4.31
N LEU A 18 -0.43 5.28 3.56
CA LEU A 18 -0.61 3.84 3.52
C LEU A 18 0.67 3.15 3.08
N GLU A 19 1.38 3.78 2.16
CA GLU A 19 2.55 3.16 1.54
C GLU A 19 3.71 3.11 2.49
N ASP A 20 3.93 4.19 3.23
CA ASP A 20 5.11 4.33 4.07
C ASP A 20 5.10 3.33 5.20
N LYS A 21 3.97 3.27 5.91
CA LYS A 21 3.84 2.42 7.08
C LYS A 21 3.56 0.98 6.71
N ALA A 22 3.12 0.75 5.49
CA ALA A 22 2.96 -0.60 4.96
C ALA A 22 4.23 -1.14 4.37
N ARG A 23 5.22 -0.29 4.13
CA ARG A 23 6.50 -0.71 3.58
C ARG A 23 7.28 -1.54 4.57
N GLU A 24 7.41 -1.05 5.79
CA GLU A 24 8.18 -1.73 6.83
C GLU A 24 7.47 -2.99 7.27
N LEU A 25 6.16 -2.91 7.40
CA LEU A 25 5.33 -4.08 7.68
C LEU A 25 5.40 -5.10 6.56
N ILE A 26 5.74 -4.65 5.36
CA ILE A 26 5.88 -5.53 4.21
C ILE A 26 7.16 -6.35 4.31
N SER A 27 8.20 -5.76 4.87
CA SER A 27 9.42 -6.49 5.16
C SER A 27 9.18 -7.52 6.24
N ARG A 28 8.19 -7.26 7.09
CA ARG A 28 7.73 -8.24 8.07
C ARG A 28 6.87 -9.31 7.44
N ILE A 29 6.18 -8.95 6.36
CA ILE A 29 5.22 -9.84 5.72
C ILE A 29 5.92 -10.99 5.03
N LYS A 30 7.06 -10.71 4.45
CA LYS A 30 7.84 -11.70 3.71
C LYS A 30 8.26 -12.83 4.63
N GLN A 31 8.64 -12.49 5.84
CA GLN A 31 9.06 -13.47 6.84
C GLN A 31 7.90 -13.93 7.69
N SER A 32 6.77 -14.21 7.06
CA SER A 32 5.58 -14.69 7.76
C SER A 32 4.50 -15.10 6.79
N GLU A 33 4.85 -16.00 5.88
CA GLU A 33 3.96 -16.37 4.78
C GLU A 33 3.53 -17.82 4.87
N LEU A 34 3.54 -18.37 6.08
CA LEU A 34 3.23 -19.77 6.29
C LEU A 34 2.30 -19.96 7.47
N SER A 35 2.75 -19.52 8.62
CA SER A 35 2.12 -19.79 9.92
C SER A 35 1.51 -21.17 9.98
N ALA A 36 2.20 -22.13 9.42
CA ALA A 36 1.88 -23.56 9.51
C ALA A 36 1.00 -23.98 8.34
N LYS A 37 0.15 -23.09 7.89
CA LYS A 37 -0.61 -23.31 6.66
C LYS A 37 0.32 -23.48 5.47
N MET A 38 1.58 -23.14 5.64
CA MET A 38 2.60 -23.42 4.64
C MET A 38 2.46 -24.83 4.11
N THR A 1 -11.49 4.19 -18.52
CA THR A 1 -11.23 4.26 -17.08
C THR A 1 -12.03 5.37 -16.44
N PRO A 2 -12.30 5.23 -15.15
CA PRO A 2 -12.98 6.26 -14.26
C PRO A 2 -12.29 7.60 -14.22
N ASP A 3 -12.41 8.31 -13.11
CA ASP A 3 -11.65 9.53 -12.87
C ASP A 3 -10.16 9.36 -13.13
N VAL A 4 -9.70 8.13 -13.22
CA VAL A 4 -8.34 7.80 -13.65
C VAL A 4 -7.77 8.82 -14.59
N SER A 5 -6.87 9.65 -14.07
CA SER A 5 -6.33 10.82 -14.77
C SER A 5 -5.79 11.81 -13.75
N SER A 6 -6.59 12.06 -12.74
CA SER A 6 -6.16 12.86 -11.58
C SER A 6 -6.86 12.39 -10.32
N ALA A 7 -6.95 11.07 -10.19
CA ALA A 7 -7.73 10.45 -9.12
C ALA A 7 -6.88 10.20 -7.89
N LEU A 8 -5.59 10.04 -8.10
CA LEU A 8 -4.62 9.96 -7.01
C LEU A 8 -4.50 11.29 -6.30
N ASP A 9 -4.74 12.37 -7.02
CA ASP A 9 -4.62 13.71 -6.45
C ASP A 9 -5.44 13.86 -5.20
N LYS A 10 -6.65 13.33 -5.23
CA LYS A 10 -7.53 13.37 -4.07
C LYS A 10 -6.90 12.65 -2.89
N LEU A 11 -6.30 11.51 -3.14
CA LEU A 11 -5.79 10.64 -2.08
C LEU A 11 -4.29 10.66 -1.98
N LYS A 12 -3.66 11.71 -2.45
CA LYS A 12 -2.22 11.91 -2.19
C LYS A 12 -2.02 12.10 -0.70
N GLU A 13 -0.86 11.79 -0.15
CA GLU A 13 -0.64 11.69 1.28
C GLU A 13 -1.24 10.40 1.81
N PHE A 14 -2.55 10.32 1.87
CA PHE A 14 -3.27 9.08 2.23
C PHE A 14 -2.79 7.83 1.56
N GLY A 15 -2.01 7.87 0.50
CA GLY A 15 -1.47 6.68 -0.14
C GLY A 15 -0.07 6.39 0.38
N ASN A 16 0.68 7.44 0.63
CA ASN A 16 1.99 7.34 1.29
C ASN A 16 1.90 6.54 2.56
N THR A 17 0.79 6.68 3.27
CA THR A 17 0.57 6.00 4.53
C THR A 17 0.56 4.50 4.36
N LEU A 18 0.01 4.05 3.25
CA LEU A 18 -0.02 2.63 2.92
C LEU A 18 1.28 2.15 2.31
N GLU A 19 2.16 3.06 1.93
CA GLU A 19 3.51 2.71 1.48
C GLU A 19 4.59 3.31 2.36
N ASP A 20 4.30 3.50 3.62
CA ASP A 20 5.33 3.89 4.59
C ASP A 20 5.07 3.23 5.93
N LYS A 21 3.85 3.34 6.43
CA LYS A 21 3.43 2.59 7.61
C LYS A 21 3.26 1.13 7.25
N ALA A 22 3.00 0.86 5.98
CA ALA A 22 3.01 -0.50 5.46
C ALA A 22 4.38 -0.87 4.92
N ARG A 23 5.42 -0.28 5.48
CA ARG A 23 6.81 -0.62 5.15
C ARG A 23 7.55 -1.19 6.33
N GLU A 24 7.01 -1.00 7.52
CA GLU A 24 7.54 -1.67 8.72
C GLU A 24 6.75 -2.92 9.01
N LEU A 25 5.46 -2.87 8.71
CA LEU A 25 4.62 -4.07 8.71
C LEU A 25 5.13 -4.99 7.62
N ILE A 26 5.63 -4.38 6.57
CA ILE A 26 6.48 -5.03 5.57
C ILE A 26 7.89 -5.03 6.13
N SER A 27 8.73 -5.88 5.58
CA SER A 27 10.01 -6.23 6.18
C SER A 27 9.81 -7.28 7.27
N ARG A 28 8.83 -7.09 8.12
CA ARG A 28 8.43 -8.13 9.07
C ARG A 28 7.54 -9.16 8.41
N ILE A 29 6.75 -8.71 7.45
CA ILE A 29 5.89 -9.60 6.67
C ILE A 29 6.72 -10.69 6.01
N LYS A 30 7.85 -10.30 5.45
CA LYS A 30 8.70 -11.20 4.69
C LYS A 30 8.94 -12.49 5.43
N GLN A 31 9.03 -12.39 6.75
CA GLN A 31 9.27 -13.53 7.61
C GLN A 31 7.98 -14.16 8.10
N SER A 32 7.04 -14.34 7.20
CA SER A 32 5.78 -15.00 7.53
C SER A 32 4.84 -15.05 6.34
N GLU A 33 5.32 -15.55 5.22
CA GLU A 33 4.51 -15.62 4.00
C GLU A 33 4.53 -17.00 3.37
N LEU A 34 4.82 -18.02 4.16
CA LEU A 34 5.03 -19.37 3.64
C LEU A 34 3.79 -19.91 2.96
N SER A 35 2.65 -19.63 3.55
CA SER A 35 1.34 -19.91 2.97
C SER A 35 0.31 -18.98 3.59
N ALA A 36 0.82 -17.84 4.04
CA ALA A 36 0.07 -16.93 4.90
C ALA A 36 -1.30 -16.63 4.33
N LYS A 37 -1.30 -15.99 3.17
CA LYS A 37 -2.53 -15.77 2.41
C LYS A 37 -2.67 -16.78 1.29
N MET A 38 -1.55 -17.20 0.74
CA MET A 38 -1.55 -18.06 -0.45
C MET A 38 -1.70 -19.51 -0.06
#